data_5MRR
#
_entry.id   5MRR
#
_cell.length_a   63.710
_cell.length_b   96.480
_cell.length_c   118.180
_cell.angle_alpha   90.00
_cell.angle_beta   90.00
_cell.angle_gamma   90.00
#
_symmetry.space_group_name_H-M   'P 21 21 21'
#
loop_
_entity.id
_entity.type
_entity.pdbx_description
1 polymer 'Lytic endopeptidase preproenzyme'
2 non-polymer 'SULFATE ION'
3 non-polymer 'CHLORIDE ION'
4 non-polymer GLYCEROL
5 non-polymer 2-AMINO-2-HYDROXYMETHYL-PROPANE-1,3-DIOL
6 non-polymer 'SODIUM ION'
7 water water
#
_entity_poly.entity_id   1
_entity_poly.type   'polypeptide(L)'
_entity_poly.pdbx_seq_one_letter_code
;VNVLGGIEYSINNATLCSVGFSVTRGATKGFVTAGHCGGVGAIVRIGGTQVGSFAARVFPGNDRAWVSVGSAHTLQGAVS
NYSGGTIAIRGSAEAAIGAAVCRSGRTTGYRCGNITAKNVTANYAEGAVRGLTQGNACMGRGDSGGSWFTSAGQAQGVMS
GGNVQSNGNNCGIPASQRSSLFERVGPILSQYGLSLVTS
;
_entity_poly.pdbx_strand_id   A,B,C,D
#
# COMPACT_ATOMS: atom_id res chain seq x y z
N VAL A 1 3.02 9.60 22.13
CA VAL A 1 2.41 9.78 20.82
C VAL A 1 0.90 9.91 20.95
N ASN A 2 0.25 10.27 19.85
CA ASN A 2 -1.20 10.47 19.83
CA ASN A 2 -1.20 10.48 19.80
C ASN A 2 -1.89 9.19 19.40
N VAL A 3 -2.95 8.84 20.11
CA VAL A 3 -3.80 7.70 19.77
C VAL A 3 -5.05 8.24 19.10
N LEU A 4 -5.26 7.86 17.84
CA LEU A 4 -6.32 8.40 17.00
C LEU A 4 -7.01 7.24 16.29
N GLY A 5 -8.33 7.30 16.20
CA GLY A 5 -9.05 6.21 15.55
C GLY A 5 -8.63 6.05 14.10
N GLY A 6 -8.55 4.79 13.66
CA GLY A 6 -8.29 4.46 12.28
C GLY A 6 -6.83 4.32 11.91
N ILE A 7 -5.91 4.78 12.75
CA ILE A 7 -4.49 4.76 12.42
C ILE A 7 -3.89 3.37 12.64
N GLU A 8 -2.79 3.13 11.94
CA GLU A 8 -2.10 1.85 12.01
C GLU A 8 -1.46 1.65 13.38
N TYR A 9 -1.56 0.42 13.88
CA TYR A 9 -0.72 -0.05 14.97
C TYR A 9 -0.17 -1.41 14.61
N SER A 10 0.98 -1.75 15.20
CA SER A 10 1.60 -3.05 14.97
C SER A 10 1.49 -3.89 16.23
N ILE A 11 1.43 -5.20 16.05
CA ILE A 11 1.31 -6.17 17.13
C ILE A 11 2.55 -7.03 17.11
N ASN A 12 3.34 -6.98 18.20
CA ASN A 12 4.59 -7.73 18.32
C ASN A 12 5.52 -7.49 17.14
N ASN A 13 5.46 -6.28 16.56
CA ASN A 13 6.28 -5.91 15.42
C ASN A 13 6.12 -6.88 14.25
N ALA A 14 4.93 -7.49 14.11
CA ALA A 14 4.77 -8.56 13.12
C ALA A 14 3.53 -8.41 12.25
N THR A 15 2.42 -7.96 12.80
CA THR A 15 1.21 -7.73 12.02
C THR A 15 0.71 -6.32 12.27
N LEU A 16 -0.23 -5.89 11.43
CA LEU A 16 -0.80 -4.55 11.50
C LEU A 16 -2.31 -4.64 11.66
N CYS A 17 -2.86 -3.75 12.47
CA CYS A 17 -4.30 -3.53 12.56
C CYS A 17 -4.52 -2.02 12.65
N SER A 18 -5.77 -1.63 12.87
CA SER A 18 -6.16 -0.24 12.94
C SER A 18 -6.81 0.06 14.28
N VAL A 19 -6.48 1.22 14.85
CA VAL A 19 -7.09 1.64 16.12
C VAL A 19 -8.60 1.80 15.94
N GLY A 20 -9.36 1.31 16.91
CA GLY A 20 -10.80 1.55 16.91
C GLY A 20 -11.13 2.90 17.51
N PHE A 21 -11.17 2.98 18.85
CA PHE A 21 -11.50 4.23 19.52
C PHE A 21 -10.70 4.35 20.81
N SER A 22 -10.24 5.57 21.08
CA SER A 22 -9.63 5.88 22.36
C SER A 22 -10.65 5.74 23.48
N VAL A 23 -10.22 5.13 24.59
CA VAL A 23 -11.07 4.93 25.76
C VAL A 23 -10.21 5.13 27.01
N THR A 24 -10.89 5.28 28.15
CA THR A 24 -10.24 5.23 29.45
C THR A 24 -10.91 4.19 30.32
N ARG A 25 -10.18 3.71 31.32
N ARG A 25 -10.19 3.75 31.34
CA ARG A 25 -10.72 2.81 32.33
CA ARG A 25 -10.72 2.81 32.33
C ARG A 25 -10.10 3.22 33.66
C ARG A 25 -10.10 3.20 33.67
N GLY A 26 -10.91 3.83 34.52
CA GLY A 26 -10.34 4.40 35.74
C GLY A 26 -9.36 5.48 35.33
N ALA A 27 -8.14 5.37 35.84
CA ALA A 27 -7.05 6.28 35.46
C ALA A 27 -6.21 5.77 34.29
N THR A 28 -6.60 4.65 33.68
CA THR A 28 -5.80 4.03 32.62
C THR A 28 -6.30 4.44 31.24
N LYS A 29 -5.36 4.75 30.35
CA LYS A 29 -5.65 5.09 28.97
C LYS A 29 -5.64 3.82 28.11
N GLY A 30 -6.32 3.87 26.98
CA GLY A 30 -6.34 2.72 26.11
C GLY A 30 -7.10 2.97 24.83
N PHE A 31 -7.27 1.90 24.05
CA PHE A 31 -8.13 1.96 22.88
C PHE A 31 -8.80 0.61 22.66
N VAL A 32 -10.01 0.65 22.08
CA VAL A 32 -10.71 -0.58 21.69
C VAL A 32 -10.34 -0.95 20.26
N THR A 33 -10.38 -2.24 19.97
CA THR A 33 -10.02 -2.77 18.66
C THR A 33 -10.65 -4.14 18.53
N ALA A 34 -10.27 -4.89 17.49
CA ALA A 34 -10.81 -6.23 17.28
C ALA A 34 -10.00 -7.26 18.07
N GLY A 35 -10.70 -8.28 18.59
CA GLY A 35 -10.05 -9.34 19.34
C GLY A 35 -9.17 -10.23 18.48
N HIS A 36 -9.48 -10.35 17.18
CA HIS A 36 -8.64 -11.19 16.35
C HIS A 36 -7.28 -10.55 16.04
N CYS A 37 -7.05 -9.32 16.47
CA CYS A 37 -5.82 -8.61 16.13
C CYS A 37 -4.62 -9.03 16.97
N GLY A 38 -4.83 -9.68 18.11
CA GLY A 38 -3.71 -10.09 18.93
C GLY A 38 -4.18 -10.78 20.18
N GLY A 39 -3.24 -11.47 20.83
CA GLY A 39 -3.52 -12.13 22.09
C GLY A 39 -3.20 -11.23 23.28
N VAL A 40 -3.71 -11.63 24.45
CA VAL A 40 -3.48 -10.87 25.67
C VAL A 40 -1.98 -10.76 25.93
N GLY A 41 -1.54 -9.54 26.25
CA GLY A 41 -0.14 -9.29 26.51
C GLY A 41 0.69 -8.93 25.29
N ALA A 42 0.16 -9.09 24.08
CA ALA A 42 0.93 -8.75 22.89
C ALA A 42 1.22 -7.25 22.86
N ILE A 43 2.42 -6.90 22.39
CA ILE A 43 2.95 -5.55 22.52
C ILE A 43 2.52 -4.69 21.33
N VAL A 44 2.00 -3.50 21.61
CA VAL A 44 1.41 -2.63 20.59
C VAL A 44 2.31 -1.41 20.40
N ARG A 45 2.58 -1.08 19.15
CA ARG A 45 3.34 0.11 18.80
C ARG A 45 2.51 1.02 17.90
N ILE A 46 2.63 2.33 18.12
N ILE A 46 2.62 2.34 18.16
CA ILE A 46 2.03 3.32 17.24
CA ILE A 46 1.91 3.39 17.44
C ILE A 46 3.16 4.25 16.82
C ILE A 46 2.84 4.59 17.34
N GLY A 47 3.59 4.15 15.56
N GLY A 47 2.82 5.27 16.19
CA GLY A 47 4.76 4.85 15.09
CA GLY A 47 3.58 6.50 16.04
C GLY A 47 6.05 4.07 15.20
C GLY A 47 5.08 6.35 16.13
N GLY A 48 5.99 2.74 15.35
N GLY A 48 5.58 5.13 15.91
CA GLY A 48 7.15 1.98 15.73
CA GLY A 48 7.00 4.88 15.99
C GLY A 48 7.58 2.21 17.16
C GLY A 48 7.52 4.41 17.33
N THR A 49 6.80 2.97 17.92
N THR A 49 6.66 4.00 18.25
CA THR A 49 7.08 3.32 19.31
CA THR A 49 7.12 3.62 19.58
C THR A 49 6.09 2.60 20.20
C THR A 49 6.10 2.72 20.27
N GLN A 50 6.60 1.96 21.25
CA GLN A 50 5.75 1.13 22.09
C GLN A 50 4.79 2.00 22.89
N VAL A 51 3.51 1.62 22.87
CA VAL A 51 2.52 2.36 23.64
C VAL A 51 1.84 1.52 24.71
N GLY A 52 1.83 0.20 24.60
CA GLY A 52 1.13 -0.62 25.56
C GLY A 52 1.02 -2.04 25.09
N SER A 53 -0.07 -2.69 25.49
CA SER A 53 -0.25 -4.10 25.18
C SER A 53 -1.73 -4.45 25.26
N PHE A 54 -2.10 -5.58 24.65
CA PHE A 54 -3.47 -6.05 24.72
C PHE A 54 -3.81 -6.41 26.16
N ALA A 55 -4.87 -5.79 26.69
CA ALA A 55 -5.27 -5.99 28.08
C ALA A 55 -6.26 -7.14 28.22
N ALA A 56 -7.17 -7.28 27.27
CA ALA A 56 -8.19 -8.31 27.32
C ALA A 56 -8.79 -8.42 25.93
N ARG A 57 -9.35 -9.60 25.64
CA ARG A 57 -9.97 -9.82 24.34
C ARG A 57 -10.93 -11.00 24.41
N VAL A 58 -11.87 -11.02 23.45
CA VAL A 58 -12.70 -12.18 23.15
C VAL A 58 -12.69 -12.38 21.65
N PHE A 59 -12.20 -13.53 21.20
CA PHE A 59 -12.29 -13.95 19.82
C PHE A 59 -11.96 -15.43 19.75
N PRO A 60 -12.75 -16.25 19.05
CA PRO A 60 -13.98 -15.91 18.33
C PRO A 60 -15.18 -15.84 19.29
N GLY A 61 -16.39 -16.12 18.78
CA GLY A 61 -17.60 -15.91 19.56
C GLY A 61 -18.02 -14.46 19.48
N ASN A 62 -17.25 -13.59 20.11
CA ASN A 62 -17.24 -12.17 19.84
C ASN A 62 -15.98 -11.83 19.05
N ASP A 63 -15.74 -10.53 18.83
CA ASP A 63 -14.49 -10.11 18.19
C ASP A 63 -14.13 -8.73 18.73
N ARG A 64 -13.58 -8.70 19.95
CA ARG A 64 -13.37 -7.45 20.66
C ARG A 64 -12.10 -7.52 21.48
N ALA A 65 -11.48 -6.36 21.70
CA ALA A 65 -10.33 -6.27 22.58
C ALA A 65 -10.17 -4.83 23.03
N TRP A 66 -9.40 -4.65 24.09
CA TRP A 66 -8.85 -3.33 24.36
C TRP A 66 -7.37 -3.44 24.70
N VAL A 67 -6.65 -2.38 24.32
CA VAL A 67 -5.22 -2.25 24.50
C VAL A 67 -5.01 -1.14 25.51
N SER A 68 -4.25 -1.42 26.57
CA SER A 68 -3.93 -0.36 27.51
C SER A 68 -2.72 0.42 27.00
N VAL A 69 -2.69 1.72 27.31
CA VAL A 69 -1.72 2.64 26.76
C VAL A 69 -1.05 3.40 27.90
N GLY A 70 0.27 3.56 27.81
CA GLY A 70 1.01 4.26 28.86
C GLY A 70 0.53 5.68 29.06
N SER A 71 0.73 6.19 30.28
CA SER A 71 0.20 7.49 30.66
C SER A 71 0.85 8.65 29.90
N ALA A 72 2.02 8.43 29.31
CA ALA A 72 2.72 9.50 28.60
C ALA A 72 2.08 9.82 27.25
N HIS A 73 1.22 8.95 26.74
CA HIS A 73 0.61 9.14 25.43
C HIS A 73 -0.68 9.91 25.55
N THR A 74 -1.13 10.48 24.43
N THR A 74 -1.07 10.54 24.46
CA THR A 74 -2.27 11.39 24.39
CA THR A 74 -2.28 11.34 24.41
C THR A 74 -3.41 10.77 23.58
C THR A 74 -3.37 10.54 23.69
N LEU A 75 -4.58 10.64 24.20
CA LEU A 75 -5.74 10.06 23.54
C LEU A 75 -6.53 11.17 22.86
N GLN A 76 -6.70 11.00 21.58
CA GLN A 76 -7.73 11.90 20.87
CA GLN A 76 -7.65 11.94 20.93
C GLN A 76 -9.15 11.27 20.62
N GLY A 77 -10.14 11.98 21.05
CA GLY A 77 -11.49 11.49 20.88
C GLY A 77 -11.99 11.76 19.48
N ALA A 78 -11.35 11.11 18.51
CA ALA A 78 -11.57 11.42 17.11
C ALA A 78 -11.08 10.26 16.28
N VAL A 79 -11.37 10.33 14.98
N VAL A 79 -11.38 10.32 14.98
CA VAL A 79 -10.98 9.33 13.98
CA VAL A 79 -10.94 9.33 14.01
C VAL A 79 -10.30 10.05 12.82
C VAL A 79 -10.30 10.05 12.83
N SER A 80 -9.24 9.46 12.28
CA SER A 80 -8.56 10.04 11.14
C SER A 80 -9.40 9.92 9.88
N ASN A 81 -9.46 11.00 9.09
CA ASN A 81 -10.11 10.94 7.79
C ASN A 81 -9.14 10.61 6.65
N TYR A 82 -7.89 10.31 6.96
CA TYR A 82 -6.87 9.91 5.98
C TYR A 82 -6.58 10.99 4.95
N SER A 83 -7.01 12.23 5.18
CA SER A 83 -6.65 13.36 4.34
C SER A 83 -6.16 14.54 5.18
N GLY A 84 -5.49 14.24 6.29
CA GLY A 84 -4.89 15.25 7.14
C GLY A 84 -5.79 15.80 8.21
N GLY A 85 -7.04 15.33 8.28
CA GLY A 85 -7.95 15.84 9.28
C GLY A 85 -8.57 14.76 10.15
N THR A 86 -9.53 15.14 10.98
CA THR A 86 -10.15 14.20 11.90
C THR A 86 -11.65 14.46 11.95
N ILE A 87 -12.38 13.42 12.35
CA ILE A 87 -13.81 13.49 12.64
C ILE A 87 -13.96 13.29 14.15
N ALA A 88 -14.61 14.24 14.82
CA ALA A 88 -14.78 14.17 16.26
C ALA A 88 -15.74 13.05 16.64
N ILE A 89 -15.40 12.29 17.68
CA ILE A 89 -16.32 11.32 18.25
C ILE A 89 -17.07 11.98 19.40
N ARG A 90 -18.41 11.82 19.40
CA ARG A 90 -19.29 12.53 20.31
C ARG A 90 -20.09 11.61 21.22
N GLY A 91 -20.05 10.30 20.99
CA GLY A 91 -20.87 9.38 21.72
C GLY A 91 -20.90 8.04 20.99
N SER A 92 -21.80 7.17 21.43
CA SER A 92 -21.89 5.83 20.85
C SER A 92 -23.34 5.43 20.60
N ALA A 93 -24.16 6.36 20.12
CA ALA A 93 -25.54 6.03 19.81
C ALA A 93 -25.60 5.14 18.57
N GLU A 94 -26.28 4.01 18.68
CA GLU A 94 -26.26 3.00 17.62
C GLU A 94 -27.21 3.40 16.48
N ALA A 95 -26.72 3.29 15.26
CA ALA A 95 -27.49 3.67 14.08
C ALA A 95 -28.26 2.47 13.53
N ALA A 96 -29.36 2.75 12.83
CA ALA A 96 -30.27 1.75 12.31
C ALA A 96 -29.90 1.35 10.89
N ILE A 97 -30.48 0.23 10.42
CA ILE A 97 -30.29 -0.17 9.04
CA ILE A 97 -30.25 -0.15 9.04
C ILE A 97 -30.69 0.96 8.11
N GLY A 98 -29.89 1.18 7.07
CA GLY A 98 -30.12 2.27 6.14
C GLY A 98 -29.39 3.56 6.47
N ALA A 99 -28.87 3.69 7.68
CA ALA A 99 -28.15 4.91 8.05
C ALA A 99 -26.77 4.93 7.42
N ALA A 100 -26.32 6.13 7.06
CA ALA A 100 -24.97 6.31 6.54
C ALA A 100 -23.93 6.05 7.63
N VAL A 101 -22.80 5.46 7.24
CA VAL A 101 -21.72 5.17 8.16
C VAL A 101 -20.42 5.21 7.39
N CYS A 102 -19.34 5.58 8.06
N CYS A 102 -19.33 5.57 8.06
CA CYS A 102 -18.01 5.47 7.49
CA CYS A 102 -18.01 5.49 7.48
C CYS A 102 -17.12 4.63 8.39
C CYS A 102 -17.10 4.69 8.40
N ARG A 103 -15.96 4.27 7.85
CA ARG A 103 -14.96 3.54 8.61
C ARG A 103 -13.59 4.06 8.23
N SER A 104 -12.60 3.76 9.08
CA SER A 104 -11.25 4.27 8.90
C SER A 104 -10.26 3.18 9.30
N GLY A 105 -9.26 2.96 8.46
CA GLY A 105 -8.27 1.93 8.73
C GLY A 105 -7.09 2.07 7.79
N ARG A 106 -6.00 1.37 8.12
CA ARG A 106 -4.72 1.65 7.49
C ARG A 106 -4.56 1.09 6.09
N THR A 107 -5.46 0.20 5.65
CA THR A 107 -5.28 -0.38 4.32
C THR A 107 -6.06 0.38 3.24
N THR A 108 -7.34 0.63 3.47
CA THR A 108 -8.18 1.32 2.51
C THR A 108 -8.48 2.76 2.90
N GLY A 109 -8.02 3.21 4.06
CA GLY A 109 -8.24 4.58 4.49
C GLY A 109 -9.65 4.82 5.01
N TYR A 110 -10.22 5.94 4.61
CA TYR A 110 -11.53 6.40 5.08
C TYR A 110 -12.54 6.12 3.98
N ARG A 111 -13.54 5.27 4.29
CA ARG A 111 -14.51 4.81 3.30
C ARG A 111 -15.90 4.89 3.89
N CYS A 112 -16.90 5.08 3.03
CA CYS A 112 -18.26 5.31 3.50
C CYS A 112 -19.25 4.40 2.80
N GLY A 113 -20.37 4.17 3.48
CA GLY A 113 -21.45 3.35 2.99
C GLY A 113 -22.66 3.46 3.89
N ASN A 114 -23.47 2.40 3.97
CA ASN A 114 -24.65 2.39 4.81
C ASN A 114 -24.65 1.11 5.66
N ILE A 115 -25.36 1.19 6.78
CA ILE A 115 -25.65 0.00 7.58
CA ILE A 115 -25.64 -0.01 7.57
C ILE A 115 -26.67 -0.84 6.83
N THR A 116 -26.38 -2.14 6.68
CA THR A 116 -27.24 -2.99 5.87
C THR A 116 -27.84 -4.20 6.58
N ALA A 117 -27.28 -4.65 7.70
CA ALA A 117 -27.88 -5.77 8.41
C ALA A 117 -27.35 -5.80 9.84
N LYS A 118 -28.10 -6.48 10.71
CA LYS A 118 -27.67 -6.68 12.09
C LYS A 118 -27.80 -8.15 12.47
N ASN A 119 -27.01 -8.55 13.46
CA ASN A 119 -27.04 -9.90 14.02
C ASN A 119 -26.58 -10.96 13.02
N VAL A 120 -25.53 -10.64 12.27
CA VAL A 120 -24.92 -11.55 11.30
C VAL A 120 -23.87 -12.40 11.97
N THR A 121 -23.83 -13.69 11.64
CA THR A 121 -22.77 -14.58 12.10
C THR A 121 -21.75 -14.75 10.99
N ALA A 122 -20.47 -14.54 11.32
CA ALA A 122 -19.38 -14.79 10.39
C ALA A 122 -18.74 -16.13 10.73
N ASN A 123 -18.50 -16.95 9.72
CA ASN A 123 -17.86 -18.25 9.92
C ASN A 123 -16.38 -18.14 9.59
N TYR A 124 -15.62 -17.57 10.51
CA TYR A 124 -14.18 -17.45 10.32
C TYR A 124 -13.51 -18.80 10.58
N ALA A 125 -12.29 -18.94 10.02
CA ALA A 125 -11.56 -20.19 10.17
C ALA A 125 -11.34 -20.54 11.64
N GLU A 126 -11.04 -19.54 12.47
CA GLU A 126 -10.80 -19.77 13.88
C GLU A 126 -12.07 -20.03 14.67
N GLY A 127 -13.23 -19.74 14.10
CA GLY A 127 -14.50 -19.99 14.76
C GLY A 127 -15.55 -18.97 14.36
N ALA A 128 -16.80 -19.30 14.67
CA ALA A 128 -17.90 -18.40 14.37
C ALA A 128 -17.87 -17.18 15.30
N VAL A 129 -18.23 -16.02 14.74
CA VAL A 129 -18.44 -14.80 15.52
C VAL A 129 -19.87 -14.35 15.28
N ARG A 130 -20.62 -14.14 16.35
N ARG A 130 -20.62 -14.17 16.35
CA ARG A 130 -22.04 -13.85 16.26
CA ARG A 130 -22.05 -13.86 16.25
C ARG A 130 -22.32 -12.38 16.54
C ARG A 130 -22.32 -12.38 16.53
N GLY A 131 -23.50 -11.94 16.11
CA GLY A 131 -23.97 -10.62 16.48
C GLY A 131 -23.33 -9.45 15.77
N LEU A 132 -22.72 -9.68 14.62
CA LEU A 132 -22.02 -8.60 13.91
C LEU A 132 -23.02 -7.74 13.14
N THR A 133 -22.70 -6.46 13.04
CA THR A 133 -23.44 -5.55 12.17
C THR A 133 -22.74 -5.44 10.83
N GLN A 134 -23.53 -5.41 9.76
CA GLN A 134 -23.00 -5.34 8.41
C GLN A 134 -23.23 -3.94 7.83
N GLY A 135 -22.21 -3.43 7.14
CA GLY A 135 -22.36 -2.29 6.27
C GLY A 135 -21.76 -2.58 4.91
N ASN A 136 -21.86 -1.60 4.02
CA ASN A 136 -21.36 -1.79 2.67
C ASN A 136 -20.29 -0.78 2.28
N ALA A 137 -19.75 -0.02 3.23
CA ALA A 137 -18.45 0.60 3.02
C ALA A 137 -17.43 -0.52 2.78
N CYS A 138 -16.47 -0.26 1.90
CA CYS A 138 -15.48 -1.28 1.60
C CYS A 138 -14.36 -1.30 2.65
N MET A 139 -13.56 -2.36 2.59
CA MET A 139 -12.49 -2.59 3.55
CA MET A 139 -12.46 -2.56 3.54
C MET A 139 -11.52 -3.61 2.98
N GLY A 140 -10.38 -3.76 3.64
CA GLY A 140 -9.42 -4.78 3.25
C GLY A 140 -8.60 -5.24 4.43
N ARG A 141 -7.81 -6.29 4.20
CA ARG A 141 -6.95 -6.83 5.25
C ARG A 141 -6.02 -5.73 5.78
N GLY A 142 -6.02 -5.56 7.09
CA GLY A 142 -5.30 -4.50 7.76
C GLY A 142 -6.19 -3.43 8.33
N ASP A 143 -7.40 -3.27 7.78
CA ASP A 143 -8.40 -2.38 8.35
C ASP A 143 -9.00 -2.95 9.63
N SER A 144 -8.75 -4.22 9.92
CA SER A 144 -9.25 -4.88 11.12
C SER A 144 -9.01 -4.05 12.37
N GLY A 145 -10.03 -4.01 13.23
CA GLY A 145 -9.97 -3.26 14.47
C GLY A 145 -10.36 -1.80 14.34
N GLY A 146 -10.43 -1.28 13.11
CA GLY A 146 -10.59 0.14 12.90
C GLY A 146 -12.01 0.64 13.11
N SER A 147 -12.09 1.95 13.27
CA SER A 147 -13.34 2.66 13.56
C SER A 147 -14.45 2.58 12.54
N TRP A 148 -15.65 2.31 13.00
CA TRP A 148 -16.88 2.55 12.25
C TRP A 148 -17.69 3.57 13.02
N PHE A 149 -18.21 4.59 12.33
CA PHE A 149 -18.77 5.75 13.01
C PHE A 149 -19.66 6.50 12.02
N THR A 150 -20.67 7.18 12.55
CA THR A 150 -21.46 8.07 11.70
C THR A 150 -20.76 9.41 11.53
N SER A 151 -21.16 10.13 10.49
CA SER A 151 -20.56 11.43 10.18
C SER A 151 -20.77 12.43 11.32
N ALA A 152 -21.87 12.29 12.06
CA ALA A 152 -22.14 13.14 13.21
C ALA A 152 -21.31 12.75 14.42
N GLY A 153 -20.48 11.73 14.33
CA GLY A 153 -19.57 11.38 15.39
C GLY A 153 -20.02 10.31 16.35
N GLN A 154 -20.98 9.47 15.99
CA GLN A 154 -21.43 8.41 16.89
C GLN A 154 -20.67 7.13 16.55
N ALA A 155 -19.84 6.69 17.49
CA ALA A 155 -19.07 5.46 17.32
C ALA A 155 -20.03 4.28 17.21
N GLN A 156 -19.80 3.44 16.20
CA GLN A 156 -20.61 2.24 15.96
C GLN A 156 -19.94 0.94 16.32
N GLY A 157 -18.66 0.78 16.01
CA GLY A 157 -18.02 -0.49 16.25
C GLY A 157 -16.64 -0.54 15.65
N VAL A 158 -16.06 -1.75 15.68
CA VAL A 158 -14.70 -1.98 15.23
C VAL A 158 -14.70 -3.06 14.15
N MET A 159 -13.85 -2.86 13.14
CA MET A 159 -13.84 -3.70 11.94
C MET A 159 -13.49 -5.14 12.27
N SER A 160 -14.37 -6.08 11.89
CA SER A 160 -14.14 -7.49 12.17
C SER A 160 -13.74 -8.30 10.94
N GLY A 161 -14.50 -8.20 9.85
CA GLY A 161 -14.17 -8.98 8.66
C GLY A 161 -15.15 -8.68 7.55
N GLY A 162 -15.11 -9.49 6.51
CA GLY A 162 -16.06 -9.38 5.42
C GLY A 162 -15.55 -10.06 4.18
N ASN A 163 -16.26 -9.82 3.08
CA ASN A 163 -16.08 -10.62 1.86
C ASN A 163 -14.97 -10.06 0.97
N VAL A 164 -13.74 -10.11 1.50
CA VAL A 164 -12.58 -9.66 0.74
C VAL A 164 -12.41 -10.53 -0.51
N GLN A 165 -11.97 -9.89 -1.60
CA GLN A 165 -11.77 -10.56 -2.86
C GLN A 165 -10.30 -10.97 -2.98
N SER A 166 -9.89 -11.42 -4.18
CA SER A 166 -8.53 -11.92 -4.36
CA SER A 166 -8.54 -11.92 -4.35
C SER A 166 -7.49 -10.84 -4.07
N ASN A 167 -7.85 -9.57 -4.26
CA ASN A 167 -6.92 -8.46 -4.00
C ASN A 167 -6.84 -8.08 -2.53
N GLY A 168 -7.51 -8.80 -1.64
CA GLY A 168 -7.44 -8.52 -0.22
C GLY A 168 -8.44 -7.50 0.29
N ASN A 169 -9.29 -6.96 -0.56
CA ASN A 169 -10.30 -6.00 -0.14
C ASN A 169 -11.59 -6.27 -0.89
N ASN A 170 -12.65 -5.53 -0.55
CA ASN A 170 -13.88 -5.58 -1.32
C ASN A 170 -14.21 -4.22 -1.94
N CYS A 171 -13.18 -3.40 -2.16
CA CYS A 171 -13.34 -2.11 -2.81
C CYS A 171 -13.42 -2.22 -4.32
N GLY A 172 -13.06 -3.37 -4.90
CA GLY A 172 -13.11 -3.58 -6.32
C GLY A 172 -14.43 -4.12 -6.83
N ILE A 173 -15.45 -4.14 -5.99
CA ILE A 173 -16.82 -4.48 -6.39
C ILE A 173 -17.73 -3.37 -5.86
N PRO A 174 -18.92 -3.19 -6.45
CA PRO A 174 -19.83 -2.15 -5.97
C PRO A 174 -20.31 -2.44 -4.55
N ALA A 175 -20.73 -1.37 -3.88
CA ALA A 175 -21.22 -1.46 -2.50
C ALA A 175 -22.34 -2.48 -2.36
N SER A 176 -23.20 -2.58 -3.38
CA SER A 176 -24.33 -3.50 -3.32
C SER A 176 -23.90 -4.94 -3.18
N GLN A 177 -22.65 -5.26 -3.51
CA GLN A 177 -22.14 -6.61 -3.48
C GLN A 177 -21.27 -6.88 -2.25
N ARG A 178 -21.13 -5.91 -1.34
CA ARG A 178 -20.22 -6.03 -0.21
C ARG A 178 -20.90 -6.50 1.07
N SER A 179 -20.14 -7.25 1.86
CA SER A 179 -20.45 -7.52 3.25
C SER A 179 -19.23 -7.11 4.05
N SER A 180 -19.36 -6.05 4.83
CA SER A 180 -18.28 -5.58 5.71
C SER A 180 -18.84 -5.57 7.12
N LEU A 181 -18.23 -6.37 8.00
CA LEU A 181 -18.83 -6.69 9.29
C LEU A 181 -18.04 -6.04 10.42
N PHE A 182 -18.77 -5.44 11.37
CA PHE A 182 -18.14 -4.82 12.54
C PHE A 182 -18.78 -5.31 13.83
N GLU A 183 -17.96 -5.33 14.88
CA GLU A 183 -18.39 -5.65 16.23
C GLU A 183 -18.91 -4.38 16.90
N ARG A 184 -20.15 -4.41 17.39
CA ARG A 184 -20.75 -3.23 18.01
CA ARG A 184 -20.75 -3.23 18.01
C ARG A 184 -19.91 -2.77 19.20
N VAL A 185 -19.75 -1.45 19.31
CA VAL A 185 -18.87 -0.89 20.34
C VAL A 185 -19.50 -0.94 21.73
N GLY A 186 -20.81 -0.81 21.83
CA GLY A 186 -21.49 -0.77 23.11
C GLY A 186 -21.14 -1.90 24.05
N PRO A 187 -21.29 -3.14 23.58
CA PRO A 187 -20.94 -4.28 24.45
C PRO A 187 -19.48 -4.33 24.86
N ILE A 188 -18.57 -3.82 24.04
CA ILE A 188 -17.16 -3.79 24.43
C ILE A 188 -16.96 -2.84 25.59
N LEU A 189 -17.50 -1.62 25.47
CA LEU A 189 -17.38 -0.66 26.56
C LEU A 189 -17.99 -1.19 27.84
N SER A 190 -19.14 -1.86 27.73
N SER A 190 -19.15 -1.85 27.74
CA SER A 190 -19.83 -2.37 28.91
CA SER A 190 -19.81 -2.37 28.93
C SER A 190 -19.04 -3.52 29.54
C SER A 190 -19.01 -3.52 29.55
N GLN A 191 -18.56 -4.47 28.73
CA GLN A 191 -17.86 -5.63 29.26
C GLN A 191 -16.63 -5.22 30.04
N TYR A 192 -15.86 -4.28 29.51
CA TYR A 192 -14.56 -3.95 30.10
C TYR A 192 -14.59 -2.69 30.94
N GLY A 193 -15.75 -2.07 31.13
CA GLY A 193 -15.84 -0.86 31.94
C GLY A 193 -15.10 0.31 31.33
N LEU A 194 -15.19 0.47 30.02
CA LEU A 194 -14.43 1.49 29.30
C LEU A 194 -15.32 2.68 28.97
N SER A 195 -14.73 3.87 29.01
CA SER A 195 -15.41 5.11 28.68
C SER A 195 -14.82 5.67 27.39
N LEU A 196 -15.67 5.92 26.42
CA LEU A 196 -15.23 6.47 25.13
C LEU A 196 -14.69 7.89 25.32
N VAL A 197 -13.51 8.16 24.77
CA VAL A 197 -12.98 9.52 24.74
C VAL A 197 -13.71 10.29 23.64
N THR A 198 -14.18 11.49 23.95
CA THR A 198 -14.89 12.31 22.99
C THR A 198 -14.21 13.67 22.86
N SER A 199 -14.61 14.42 21.83
CA SER A 199 -14.03 15.73 21.58
C SER A 199 -14.95 16.60 20.71
N VAL B 1 30.68 -13.08 14.59
CA VAL B 1 29.38 -13.71 14.79
C VAL B 1 29.43 -15.13 14.27
N ASN B 2 28.78 -16.06 14.96
CA ASN B 2 28.55 -17.40 14.43
C ASN B 2 27.16 -17.43 13.82
N VAL B 3 27.06 -17.96 12.60
CA VAL B 3 25.77 -18.14 11.93
C VAL B 3 25.34 -19.58 12.18
N LEU B 4 24.15 -19.74 12.74
CA LEU B 4 23.64 -21.02 13.19
C LEU B 4 22.16 -21.06 12.85
N GLY B 5 21.69 -22.21 12.36
CA GLY B 5 20.28 -22.32 12.00
C GLY B 5 19.38 -22.03 13.19
N GLY B 6 18.27 -21.33 12.91
CA GLY B 6 17.22 -21.11 13.88
C GLY B 6 17.36 -19.86 14.72
N ILE B 7 18.53 -19.23 14.74
CA ILE B 7 18.73 -18.09 15.61
C ILE B 7 18.07 -16.85 15.03
N GLU B 8 17.80 -15.89 15.91
CA GLU B 8 17.19 -14.63 15.52
C GLU B 8 18.17 -13.78 14.73
N TYR B 9 17.66 -13.13 13.68
CA TYR B 9 18.34 -12.01 13.04
C TYR B 9 17.35 -10.89 12.83
N SER B 10 17.86 -9.66 12.78
CA SER B 10 17.03 -8.49 12.54
C SER B 10 17.27 -7.97 11.13
N ILE B 11 16.25 -7.31 10.60
CA ILE B 11 16.25 -6.75 9.27
C ILE B 11 16.10 -5.24 9.43
N ASN B 12 17.13 -4.50 9.03
CA ASN B 12 17.18 -3.04 9.16
C ASN B 12 16.87 -2.56 10.58
N ASN B 13 17.39 -3.27 11.57
CA ASN B 13 17.24 -2.89 12.97
C ASN B 13 15.78 -2.79 13.39
N ALA B 14 14.89 -3.52 12.71
CA ALA B 14 13.48 -3.36 12.96
C ALA B 14 12.77 -4.70 13.11
N THR B 15 12.47 -5.35 11.99
CA THR B 15 11.75 -6.61 12.06
C THR B 15 12.71 -7.76 12.30
N LEU B 16 12.15 -8.91 12.65
CA LEU B 16 12.93 -10.09 13.02
C LEU B 16 12.52 -11.30 12.19
N CYS B 17 13.49 -12.17 11.93
CA CYS B 17 13.24 -13.48 11.35
C CYS B 17 14.24 -14.46 11.96
N SER B 18 14.25 -15.68 11.45
CA SER B 18 15.11 -16.74 11.96
C SER B 18 15.98 -17.28 10.83
N VAL B 19 17.24 -17.59 11.15
CA VAL B 19 18.17 -18.11 10.16
C VAL B 19 17.70 -19.48 9.70
N GLY B 20 17.80 -19.74 8.40
CA GLY B 20 17.56 -21.06 7.86
C GLY B 20 18.77 -21.98 7.99
N PHE B 21 19.70 -21.89 7.04
CA PHE B 21 20.89 -22.75 7.06
C PHE B 21 22.10 -21.97 6.54
N SER B 22 23.24 -22.21 7.18
CA SER B 22 24.50 -21.69 6.67
C SER B 22 24.81 -22.30 5.30
N VAL B 23 25.24 -21.45 4.37
CA VAL B 23 25.60 -21.87 3.02
C VAL B 23 26.85 -21.12 2.57
N THR B 24 27.49 -21.65 1.52
CA THR B 24 28.55 -20.93 0.82
C THR B 24 28.19 -20.82 -0.66
N ARG B 25 28.66 -19.75 -1.28
CA ARG B 25 28.47 -19.52 -2.71
C ARG B 25 29.87 -19.25 -3.22
N GLY B 26 30.56 -20.30 -3.67
CA GLY B 26 31.99 -20.18 -3.87
C GLY B 26 32.67 -19.87 -2.56
N ALA B 27 33.47 -18.80 -2.56
CA ALA B 27 34.14 -18.34 -1.35
C ALA B 27 33.25 -17.46 -0.48
N THR B 28 32.07 -17.07 -0.98
CA THR B 28 31.19 -16.17 -0.24
C THR B 28 30.39 -16.94 0.81
N LYS B 29 30.35 -16.41 2.03
CA LYS B 29 29.57 -17.00 3.10
C LYS B 29 28.15 -16.45 3.09
N GLY B 30 27.21 -17.21 3.65
CA GLY B 30 25.84 -16.74 3.68
C GLY B 30 24.93 -17.67 4.45
N PHE B 31 23.64 -17.32 4.44
CA PHE B 31 22.61 -18.23 4.92
C PHE B 31 21.35 -18.10 4.08
N VAL B 32 20.61 -19.20 3.97
CA VAL B 32 19.30 -19.17 3.33
C VAL B 32 18.22 -18.89 4.36
N THR B 33 17.13 -18.29 3.90
CA THR B 33 16.02 -17.87 4.74
C THR B 33 14.81 -17.67 3.83
N ALA B 34 13.73 -17.10 4.38
CA ALA B 34 12.52 -16.88 3.61
C ALA B 34 12.59 -15.56 2.85
N GLY B 35 12.01 -15.56 1.65
CA GLY B 35 12.01 -14.36 0.83
C GLY B 35 11.19 -13.23 1.39
N HIS B 36 10.11 -13.54 2.12
CA HIS B 36 9.28 -12.47 2.64
C HIS B 36 9.96 -11.73 3.79
N CYS B 37 11.11 -12.20 4.27
CA CYS B 37 11.76 -11.55 5.40
C CYS B 37 12.45 -10.23 5.05
N GLY B 38 12.79 -10.00 3.78
CA GLY B 38 13.46 -8.76 3.44
C GLY B 38 13.58 -8.58 1.95
N GLY B 39 13.81 -7.34 1.55
CA GLY B 39 14.14 -7.03 0.18
C GLY B 39 15.64 -7.05 -0.04
N VAL B 40 16.06 -7.23 -1.30
CA VAL B 40 17.48 -7.22 -1.61
C VAL B 40 18.10 -5.92 -1.12
N GLY B 41 19.24 -6.03 -0.42
CA GLY B 41 19.90 -4.88 0.15
C GLY B 41 19.56 -4.58 1.60
N ALA B 42 18.53 -5.22 2.16
CA ALA B 42 18.22 -5.03 3.57
C ALA B 42 19.37 -5.55 4.43
N ILE B 43 19.70 -4.80 5.49
CA ILE B 43 20.85 -5.10 6.33
C ILE B 43 20.45 -6.07 7.43
N VAL B 44 21.27 -7.10 7.61
CA VAL B 44 20.99 -8.17 8.56
C VAL B 44 21.98 -8.06 9.71
N ARG B 45 21.45 -8.12 10.94
CA ARG B 45 22.26 -8.14 12.14
C ARG B 45 21.95 -9.41 12.92
N ILE B 46 22.99 -10.00 13.52
CA ILE B 46 22.83 -11.11 14.45
C ILE B 46 23.49 -10.69 15.75
N GLY B 47 22.72 -10.72 16.84
CA GLY B 47 23.19 -10.15 18.09
C GLY B 47 23.51 -8.68 18.00
N GLY B 48 22.82 -7.94 17.14
CA GLY B 48 23.08 -6.53 16.95
C GLY B 48 24.29 -6.20 16.11
N THR B 49 25.08 -7.21 15.73
CA THR B 49 26.27 -7.00 14.90
C THR B 49 25.89 -7.20 13.44
N GLN B 50 26.24 -6.24 12.59
CA GLN B 50 25.98 -6.37 11.17
C GLN B 50 26.79 -7.54 10.60
N VAL B 51 26.10 -8.44 9.91
CA VAL B 51 26.76 -9.56 9.27
C VAL B 51 26.69 -9.50 7.76
N GLY B 52 25.74 -8.78 7.18
CA GLY B 52 25.62 -8.76 5.74
C GLY B 52 24.28 -8.19 5.33
N SER B 53 23.79 -8.66 4.18
CA SER B 53 22.58 -8.11 3.61
C SER B 53 21.90 -9.15 2.73
N PHE B 54 20.62 -8.94 2.47
CA PHE B 54 19.89 -9.81 1.55
C PHE B 54 20.50 -9.71 0.15
N ALA B 55 20.92 -10.85 -0.39
CA ALA B 55 21.59 -10.89 -1.69
C ALA B 55 20.62 -11.11 -2.83
N ALA B 56 19.61 -11.93 -2.61
CA ALA B 56 18.63 -12.26 -3.63
C ALA B 56 17.40 -12.84 -2.95
N ARG B 57 16.26 -12.68 -3.59
CA ARG B 57 15.05 -13.27 -3.03
C ARG B 57 13.99 -13.42 -4.10
N VAL B 58 13.08 -14.37 -3.89
CA VAL B 58 11.85 -14.53 -4.67
C VAL B 58 10.69 -14.61 -3.69
N PHE B 59 9.75 -13.66 -3.80
CA PHE B 59 8.51 -13.65 -3.03
C PHE B 59 7.55 -12.63 -3.64
N PRO B 60 6.29 -12.99 -3.86
CA PRO B 60 5.68 -14.31 -3.67
C PRO B 60 5.98 -15.25 -4.85
N GLY B 61 5.09 -16.19 -5.14
CA GLY B 61 5.38 -17.21 -6.15
C GLY B 61 6.20 -18.32 -5.53
N ASN B 62 7.44 -18.01 -5.18
CA ASN B 62 8.25 -18.78 -4.25
C ASN B 62 8.33 -17.99 -2.94
N ASP B 63 9.11 -18.49 -1.99
CA ASP B 63 9.36 -17.73 -0.75
C ASP B 63 10.75 -18.11 -0.26
N ARG B 64 11.77 -17.50 -0.87
CA ARG B 64 13.15 -17.91 -0.63
C ARG B 64 14.06 -16.70 -0.72
N ALA B 65 15.20 -16.79 -0.03
CA ALA B 65 16.21 -15.74 -0.09
C ALA B 65 17.52 -16.30 0.42
N TRP B 66 18.60 -15.60 0.08
CA TRP B 66 19.84 -15.82 0.79
C TRP B 66 20.45 -14.48 1.17
N VAL B 67 21.17 -14.51 2.28
CA VAL B 67 21.82 -13.35 2.87
C VAL B 67 23.32 -13.60 2.78
N SER B 68 24.05 -12.64 2.21
CA SER B 68 25.50 -12.78 2.19
C SER B 68 26.07 -12.32 3.53
N VAL B 69 27.12 -13.00 3.97
CA VAL B 69 27.70 -12.82 5.29
C VAL B 69 29.19 -12.50 5.14
N GLY B 70 29.66 -11.54 5.91
CA GLY B 70 31.06 -11.14 5.81
C GLY B 70 32.00 -12.26 6.19
N SER B 71 33.18 -12.27 5.56
CA SER B 71 34.12 -13.35 5.74
C SER B 71 34.62 -13.47 7.17
N ALA B 72 34.48 -12.40 7.97
CA ALA B 72 34.95 -12.45 9.35
C ALA B 72 34.07 -13.30 10.26
N HIS B 73 32.87 -13.66 9.80
CA HIS B 73 31.97 -14.44 10.62
C HIS B 73 32.13 -15.92 10.32
N THR B 74 31.70 -16.76 11.26
CA THR B 74 31.92 -18.20 11.19
C THR B 74 30.59 -18.90 10.94
N LEU B 75 30.54 -19.68 9.87
CA LEU B 75 29.36 -20.47 9.56
C LEU B 75 29.40 -21.78 10.32
N GLN B 76 28.31 -22.12 10.98
CA GLN B 76 28.14 -23.42 11.62
C GLN B 76 27.19 -24.27 10.77
N GLY B 77 27.63 -25.49 10.47
CA GLY B 77 26.77 -26.42 9.74
C GLY B 77 25.83 -27.14 10.68
N ALA B 78 24.92 -26.38 11.29
CA ALA B 78 24.12 -26.90 12.40
C ALA B 78 22.93 -25.97 12.63
N VAL B 79 22.00 -26.44 13.46
CA VAL B 79 20.80 -25.71 13.86
C VAL B 79 20.72 -25.72 15.37
N SER B 80 20.34 -24.58 15.96
CA SER B 80 20.13 -24.49 17.40
C SER B 80 18.89 -25.26 17.83
N ASN B 81 18.99 -25.97 18.96
CA ASN B 81 17.82 -26.63 19.54
C ASN B 81 17.15 -25.79 20.62
N TYR B 82 17.57 -24.53 20.79
CA TYR B 82 17.02 -23.60 21.77
C TYR B 82 17.20 -24.05 23.20
N SER B 83 18.00 -25.09 23.44
CA SER B 83 18.34 -25.60 24.77
C SER B 83 19.83 -25.82 24.89
N GLY B 84 20.62 -24.91 24.33
CA GLY B 84 22.07 -24.95 24.50
C GLY B 84 22.79 -25.95 23.63
N GLY B 85 22.10 -26.68 22.77
CA GLY B 85 22.72 -27.66 21.90
C GLY B 85 22.46 -27.35 20.43
N THR B 86 22.98 -28.23 19.59
CA THR B 86 22.81 -28.10 18.14
C THR B 86 22.56 -29.46 17.51
N ILE B 87 21.93 -29.42 16.34
CA ILE B 87 21.78 -30.58 15.49
C ILE B 87 22.69 -30.36 14.28
N ALA B 88 23.62 -31.29 14.06
CA ALA B 88 24.52 -31.18 12.92
C ALA B 88 23.76 -31.42 11.62
N ILE B 89 24.03 -30.58 10.62
CA ILE B 89 23.44 -30.76 9.31
C ILE B 89 24.40 -31.60 8.48
N ARG B 90 23.88 -32.70 7.92
CA ARG B 90 24.66 -33.63 7.13
C ARG B 90 24.34 -33.58 5.65
N GLY B 91 23.21 -33.01 5.27
CA GLY B 91 22.79 -33.01 3.89
C GLY B 91 21.40 -32.42 3.77
N SER B 92 20.81 -32.62 2.60
CA SER B 92 19.47 -32.09 2.31
C SER B 92 18.61 -33.14 1.63
N ALA B 93 18.76 -34.41 2.02
CA ALA B 93 17.87 -35.45 1.49
C ALA B 93 16.43 -35.16 1.92
N GLU B 94 15.53 -35.10 0.93
CA GLU B 94 14.15 -34.73 1.21
C GLU B 94 13.40 -35.87 1.89
N ALA B 95 12.75 -35.55 3.01
CA ALA B 95 12.01 -36.55 3.79
C ALA B 95 10.61 -36.74 3.22
N ALA B 96 10.08 -37.94 3.40
CA ALA B 96 8.78 -38.31 2.85
C ALA B 96 7.67 -37.90 3.81
N ILE B 97 6.44 -37.85 3.27
CA ILE B 97 5.27 -37.68 4.12
C ILE B 97 5.30 -38.75 5.20
N GLY B 98 5.07 -38.32 6.45
CA GLY B 98 5.11 -39.19 7.60
C GLY B 98 6.40 -39.11 8.41
N ALA B 99 7.47 -38.59 7.83
CA ALA B 99 8.73 -38.50 8.55
C ALA B 99 8.63 -37.49 9.68
N ALA B 100 9.28 -37.81 10.80
CA ALA B 100 9.44 -36.86 11.88
C ALA B 100 10.31 -35.69 11.41
N VAL B 101 9.94 -34.49 11.81
CA VAL B 101 10.67 -33.28 11.43
C VAL B 101 10.59 -32.31 12.59
N CYS B 102 11.61 -31.47 12.73
CA CYS B 102 11.57 -30.39 13.70
C CYS B 102 11.91 -29.08 12.99
N ARG B 103 11.62 -27.98 13.67
CA ARG B 103 11.94 -26.66 13.16
C ARG B 103 12.43 -25.80 14.32
N SER B 104 13.10 -24.71 13.98
CA SER B 104 13.77 -23.89 14.98
C SER B 104 13.64 -22.42 14.58
N GLY B 105 13.23 -21.58 15.53
CA GLY B 105 13.09 -20.16 15.27
C GLY B 105 12.86 -19.40 16.55
N ARG B 106 12.95 -18.06 16.45
CA ARG B 106 13.07 -17.24 17.65
C ARG B 106 11.76 -17.03 18.40
N THR B 107 10.61 -17.37 17.82
CA THR B 107 9.36 -17.11 18.52
C THR B 107 8.87 -18.32 19.31
N THR B 108 8.88 -19.51 18.69
CA THR B 108 8.44 -20.72 19.37
C THR B 108 9.60 -21.67 19.68
N GLY B 109 10.84 -21.29 19.38
CA GLY B 109 11.97 -22.14 19.69
C GLY B 109 12.00 -23.37 18.81
N TYR B 110 12.31 -24.51 19.42
CA TYR B 110 12.47 -25.79 18.76
C TYR B 110 11.18 -26.58 18.95
N ARG B 111 10.52 -26.94 17.85
CA ARG B 111 9.25 -27.64 17.88
C ARG B 111 9.28 -28.79 16.89
N CYS B 112 8.51 -29.84 17.18
CA CYS B 112 8.60 -31.06 16.38
C CYS B 112 7.21 -31.55 15.95
N GLY B 113 7.20 -32.33 14.88
CA GLY B 113 5.99 -32.91 14.35
C GLY B 113 6.33 -33.83 13.20
N ASN B 114 5.43 -33.96 12.22
CA ASN B 114 5.69 -34.79 11.05
C ASN B 114 5.44 -33.99 9.78
N ILE B 115 6.09 -34.45 8.70
CA ILE B 115 5.74 -33.99 7.36
C ILE B 115 4.37 -34.53 7.02
N THR B 116 3.46 -33.66 6.55
CA THR B 116 2.09 -34.07 6.28
C THR B 116 1.63 -33.91 4.84
N ALA B 117 2.26 -33.05 4.04
CA ALA B 117 1.82 -32.89 2.65
C ALA B 117 2.92 -32.20 1.86
N LYS B 118 2.84 -32.34 0.54
CA LYS B 118 3.75 -31.67 -0.37
C LYS B 118 2.99 -30.95 -1.47
N ASN B 119 3.64 -29.92 -2.02
CA ASN B 119 3.12 -29.18 -3.17
C ASN B 119 1.84 -28.42 -2.83
N VAL B 120 1.81 -27.82 -1.66
CA VAL B 120 0.69 -27.02 -1.19
C VAL B 120 0.87 -25.58 -1.69
N THR B 121 -0.21 -24.99 -2.18
CA THR B 121 -0.22 -23.57 -2.52
C THR B 121 -0.83 -22.77 -1.38
N ALA B 122 -0.09 -21.78 -0.90
CA ALA B 122 -0.58 -20.86 0.12
C ALA B 122 -1.06 -19.57 -0.54
N ASN B 123 -2.20 -19.07 -0.08
CA ASN B 123 -2.74 -17.82 -0.59
C ASN B 123 -2.44 -16.71 0.42
N TYR B 124 -1.20 -16.24 0.38
CA TYR B 124 -0.78 -15.17 1.26
C TYR B 124 -1.35 -13.84 0.78
N ALA B 125 -1.33 -12.85 1.70
CA ALA B 125 -1.87 -11.53 1.37
C ALA B 125 -1.17 -10.92 0.16
N GLU B 126 0.15 -11.15 0.04
CA GLU B 126 0.92 -10.59 -1.06
C GLU B 126 0.76 -11.38 -2.35
N GLY B 127 0.13 -12.55 -2.31
CA GLY B 127 0.02 -13.38 -3.49
C GLY B 127 0.26 -14.85 -3.20
N ALA B 128 0.02 -15.70 -4.19
CA ALA B 128 0.17 -17.14 -4.01
C ALA B 128 1.64 -17.52 -3.92
N VAL B 129 1.92 -18.51 -3.07
CA VAL B 129 3.23 -19.17 -3.04
C VAL B 129 2.95 -20.66 -3.24
N ARG B 130 3.56 -21.24 -4.26
CA ARG B 130 3.28 -22.62 -4.62
CA ARG B 130 3.30 -22.62 -4.66
C ARG B 130 4.42 -23.53 -4.19
N GLY B 131 4.13 -24.84 -4.22
CA GLY B 131 5.16 -25.84 -3.99
C GLY B 131 5.62 -26.03 -2.56
N LEU B 132 4.82 -25.59 -1.57
CA LEU B 132 5.27 -25.64 -0.19
C LEU B 132 5.03 -27.02 0.42
N THR B 133 5.93 -27.41 1.32
CA THR B 133 5.72 -28.62 2.10
C THR B 133 5.06 -28.27 3.42
N GLN B 134 4.10 -29.11 3.83
CA GLN B 134 3.36 -28.90 5.07
C GLN B 134 3.84 -29.87 6.13
N GLY B 135 3.98 -29.36 7.37
CA GLY B 135 4.17 -30.19 8.53
C GLY B 135 3.22 -29.76 9.63
N ASN B 136 3.24 -30.51 10.73
CA ASN B 136 2.34 -30.19 11.84
C ASN B 136 3.08 -29.82 13.13
N ALA B 137 4.39 -29.59 13.06
CA ALA B 137 5.04 -28.86 14.14
C ALA B 137 4.45 -27.45 14.17
N CYS B 138 4.35 -26.89 15.37
CA CYS B 138 3.78 -25.56 15.47
C CYS B 138 4.83 -24.48 15.22
N MET B 139 4.35 -23.24 15.11
CA MET B 139 5.19 -22.11 14.78
CA MET B 139 5.14 -22.11 14.66
C MET B 139 4.42 -20.84 15.09
N GLY B 140 5.13 -19.72 15.03
CA GLY B 140 4.53 -18.43 15.29
C GLY B 140 5.26 -17.34 14.52
N ARG B 141 4.64 -16.16 14.46
CA ARG B 141 5.23 -15.06 13.73
C ARG B 141 6.60 -14.70 14.30
N GLY B 142 7.59 -14.63 13.42
CA GLY B 142 8.98 -14.46 13.80
C GLY B 142 9.81 -15.71 13.59
N ASP B 143 9.17 -16.88 13.53
CA ASP B 143 9.87 -18.11 13.16
C ASP B 143 10.20 -18.16 11.67
N SER B 144 9.60 -17.26 10.87
CA SER B 144 9.83 -17.16 9.43
C SER B 144 11.30 -17.24 9.08
N GLY B 145 11.60 -17.99 8.03
CA GLY B 145 12.96 -18.18 7.58
C GLY B 145 13.72 -19.29 8.27
N GLY B 146 13.22 -19.76 9.43
CA GLY B 146 13.97 -20.71 10.24
C GLY B 146 13.99 -22.13 9.70
N SER B 147 14.94 -22.89 10.24
CA SER B 147 15.27 -24.22 9.76
C SER B 147 14.14 -25.22 10.02
N TRP B 148 13.84 -26.04 9.01
CA TRP B 148 13.13 -27.31 9.15
C TRP B 148 14.10 -28.42 8.77
N PHE B 149 14.16 -29.48 9.57
CA PHE B 149 15.20 -30.49 9.42
C PHE B 149 14.76 -31.75 10.14
N THR B 150 15.31 -32.89 9.70
CA THR B 150 15.13 -34.11 10.47
C THR B 150 16.18 -34.20 11.57
N SER B 151 15.83 -34.92 12.64
CA SER B 151 16.77 -35.11 13.74
C SER B 151 18.03 -35.82 13.28
N ALA B 152 17.94 -36.62 12.22
N ALA B 152 17.94 -36.61 12.21
CA ALA B 152 19.09 -37.26 11.63
C ALA B 152 20.00 -36.27 10.89
N GLY B 153 19.60 -35.01 10.75
CA GLY B 153 20.46 -33.99 10.21
C GLY B 153 20.26 -33.64 8.75
N GLN B 154 19.11 -33.97 8.17
CA GLN B 154 18.83 -33.62 6.78
C GLN B 154 17.99 -32.34 6.73
N ALA B 155 18.58 -31.27 6.18
CA ALA B 155 17.88 -30.01 6.01
C ALA B 155 16.70 -30.20 5.06
N GLN B 156 15.53 -29.70 5.47
CA GLN B 156 14.32 -29.80 4.67
C GLN B 156 13.89 -28.48 4.03
N GLY B 157 13.97 -27.37 4.73
CA GLY B 157 13.48 -26.13 4.17
C GLY B 157 13.47 -25.01 5.19
N VAL B 158 12.86 -23.90 4.78
CA VAL B 158 12.81 -22.69 5.58
C VAL B 158 11.36 -22.27 5.82
N MET B 159 11.07 -21.84 7.04
CA MET B 159 9.71 -21.53 7.47
C MET B 159 9.10 -20.41 6.61
N SER B 160 7.97 -20.71 5.98
CA SER B 160 7.29 -19.75 5.12
C SER B 160 6.02 -19.17 5.72
N GLY B 161 5.12 -20.00 6.24
CA GLY B 161 3.87 -19.49 6.76
C GLY B 161 2.99 -20.62 7.22
N GLY B 162 1.71 -20.32 7.41
CA GLY B 162 0.73 -21.33 7.76
C GLY B 162 -0.36 -20.72 8.62
N ASN B 163 -1.13 -21.60 9.27
CA ASN B 163 -2.37 -21.16 9.92
C ASN B 163 -2.13 -20.65 11.35
N VAL B 164 -1.30 -19.61 11.46
CA VAL B 164 -1.17 -18.92 12.74
C VAL B 164 -2.54 -18.42 13.19
N GLN B 165 -2.83 -18.60 14.47
CA GLN B 165 -4.08 -18.16 15.07
C GLN B 165 -3.95 -16.70 15.49
N SER B 166 -5.05 -16.12 15.97
CA SER B 166 -5.04 -14.71 16.33
C SER B 166 -4.02 -14.39 17.43
N ASN B 167 -3.62 -15.38 18.23
CA ASN B 167 -2.59 -15.16 19.25
C ASN B 167 -1.18 -15.11 18.69
N GLY B 168 -1.00 -15.30 17.37
CA GLY B 168 0.30 -15.21 16.76
C GLY B 168 1.03 -16.52 16.51
N ASN B 169 0.47 -17.66 16.91
CA ASN B 169 1.11 -18.95 16.67
C ASN B 169 0.00 -19.98 16.45
N ASN B 170 0.40 -21.20 16.08
CA ASN B 170 -0.54 -22.32 16.05
C ASN B 170 -0.17 -23.41 17.06
N CYS B 171 0.54 -23.04 18.13
CA CYS B 171 0.88 -23.95 19.20
C CYS B 171 -0.27 -24.15 20.18
N GLY B 172 -1.28 -23.30 20.15
CA GLY B 172 -2.44 -23.41 21.02
C GLY B 172 -3.57 -24.24 20.47
N ILE B 173 -3.32 -24.95 19.37
CA ILE B 173 -4.24 -25.96 18.82
C ILE B 173 -3.44 -27.24 18.65
N PRO B 174 -4.11 -28.39 18.63
CA PRO B 174 -3.40 -29.65 18.45
C PRO B 174 -2.77 -29.76 17.06
N ALA B 175 -1.72 -30.57 16.97
CA ALA B 175 -1.02 -30.77 15.71
C ALA B 175 -1.96 -31.18 14.57
N SER B 176 -3.01 -31.95 14.88
CA SER B 176 -3.96 -32.40 13.88
C SER B 176 -4.66 -31.25 13.17
N GLN B 177 -4.65 -30.06 13.76
CA GLN B 177 -5.33 -28.90 13.19
CA GLN B 177 -5.33 -28.90 13.17
C GLN B 177 -4.35 -27.89 12.60
N ARG B 178 -3.06 -28.22 12.54
CA ARG B 178 -2.04 -27.27 12.10
C ARG B 178 -1.65 -27.48 10.66
N SER B 179 -1.47 -26.38 9.95
N SER B 179 -1.37 -26.38 9.96
CA SER B 179 -0.82 -26.34 8.65
CA SER B 179 -0.82 -26.40 8.60
C SER B 179 0.35 -25.40 8.81
C SER B 179 0.37 -25.45 8.56
N SER B 180 1.56 -25.96 8.86
CA SER B 180 2.79 -25.17 8.95
C SER B 180 3.59 -25.45 7.69
N LEU B 181 3.87 -24.39 6.92
CA LEU B 181 4.35 -24.53 5.54
C LEU B 181 5.78 -24.04 5.40
N PHE B 182 6.62 -24.85 4.75
CA PHE B 182 8.00 -24.45 4.51
C PHE B 182 8.35 -24.54 3.04
N GLU B 183 9.27 -23.65 2.65
CA GLU B 183 9.87 -23.65 1.32
C GLU B 183 10.99 -24.67 1.30
N ARG B 184 10.93 -25.62 0.36
CA ARG B 184 11.95 -26.66 0.27
CA ARG B 184 11.94 -26.66 0.28
C ARG B 184 13.31 -26.04 0.03
N VAL B 185 14.33 -26.59 0.71
CA VAL B 185 15.67 -26.00 0.65
C VAL B 185 16.36 -26.29 -0.68
N GLY B 186 16.10 -27.46 -1.28
CA GLY B 186 16.76 -27.87 -2.49
C GLY B 186 16.70 -26.84 -3.60
N PRO B 187 15.49 -26.39 -3.96
CA PRO B 187 15.39 -25.38 -5.03
C PRO B 187 16.06 -24.06 -4.70
N ILE B 188 16.21 -23.73 -3.42
CA ILE B 188 16.94 -22.51 -3.06
C ILE B 188 18.42 -22.68 -3.37
N LEU B 189 19.00 -23.79 -2.91
CA LEU B 189 20.41 -24.08 -3.20
C LEU B 189 20.65 -24.12 -4.70
N SER B 190 19.70 -24.70 -5.45
CA SER B 190 19.87 -24.81 -6.90
C SER B 190 19.81 -23.45 -7.56
N GLN B 191 18.79 -22.65 -7.22
CA GLN B 191 18.62 -21.38 -7.91
C GLN B 191 19.83 -20.48 -7.72
N TYR B 192 20.41 -20.46 -6.52
CA TYR B 192 21.44 -19.48 -6.19
C TYR B 192 22.84 -20.05 -6.22
N GLY B 193 23.02 -21.31 -6.63
CA GLY B 193 24.36 -21.85 -6.72
C GLY B 193 25.02 -21.99 -5.37
N LEU B 194 24.26 -22.42 -4.37
CA LEU B 194 24.72 -22.48 -3.00
C LEU B 194 25.04 -23.91 -2.59
N SER B 195 25.94 -24.02 -1.61
CA SER B 195 26.30 -25.30 -1.00
CA SER B 195 26.28 -25.30 -1.00
C SER B 195 26.01 -25.23 0.49
N LEU B 196 25.24 -26.20 0.98
CA LEU B 196 24.97 -26.28 2.41
C LEU B 196 26.25 -26.53 3.19
N VAL B 197 26.45 -25.80 4.28
CA VAL B 197 27.54 -26.12 5.19
C VAL B 197 27.12 -27.34 6.03
N THR B 198 27.95 -28.37 6.01
CA THR B 198 27.67 -29.58 6.76
C THR B 198 28.73 -29.76 7.85
N SER B 199 28.38 -30.57 8.84
CA SER B 199 29.29 -30.82 9.96
C SER B 199 29.04 -32.20 10.57
N VAL C 1 13.74 -1.01 -17.62
CA VAL C 1 13.22 0.35 -17.63
C VAL C 1 14.25 1.33 -17.06
N ASN C 2 14.00 2.61 -17.26
N ASN C 2 14.04 2.61 -17.31
CA ASN C 2 14.87 3.67 -16.77
CA ASN C 2 14.91 3.63 -16.74
C ASN C 2 14.40 4.17 -15.41
C ASN C 2 14.40 4.05 -15.37
N VAL C 3 15.34 4.37 -14.49
CA VAL C 3 15.06 4.95 -13.19
C VAL C 3 15.51 6.41 -13.24
N LEU C 4 14.57 7.32 -13.03
CA LEU C 4 14.80 8.75 -13.19
C LEU C 4 14.08 9.48 -12.06
N GLY C 5 14.73 10.49 -11.52
CA GLY C 5 14.13 11.23 -10.42
C GLY C 5 12.78 11.81 -10.82
N GLY C 6 11.81 11.72 -9.90
CA GLY C 6 10.52 12.36 -10.06
C GLY C 6 9.43 11.51 -10.70
N ILE C 7 9.78 10.36 -11.29
CA ILE C 7 8.79 9.56 -12.01
C ILE C 7 7.97 8.70 -11.05
N GLU C 8 6.81 8.29 -11.52
CA GLU C 8 5.88 7.48 -10.73
C GLU C 8 6.38 6.06 -10.58
N TYR C 9 6.18 5.51 -9.37
CA TYR C 9 6.32 4.07 -9.15
C TYR C 9 5.17 3.60 -8.25
N SER C 10 4.83 2.32 -8.36
CA SER C 10 3.79 1.73 -7.51
C SER C 10 4.42 0.82 -6.46
N ILE C 11 3.71 0.69 -5.34
CA ILE C 11 4.13 -0.13 -4.20
C ILE C 11 3.03 -1.16 -3.96
N ASN C 12 3.38 -2.45 -4.07
CA ASN C 12 2.45 -3.55 -3.84
C ASN C 12 1.18 -3.41 -4.68
N ASN C 13 1.32 -2.87 -5.88
CA ASN C 13 0.19 -2.68 -6.79
C ASN C 13 -0.92 -1.84 -6.16
N ALA C 14 -0.55 -0.88 -5.31
CA ALA C 14 -1.54 0.01 -4.70
C ALA C 14 -1.07 1.46 -4.72
N THR C 15 -0.39 1.89 -3.67
CA THR C 15 0.00 3.29 -3.54
C THR C 15 0.98 3.67 -4.67
N LEU C 16 0.88 4.92 -5.11
CA LEU C 16 1.74 5.48 -6.14
C LEU C 16 2.56 6.61 -5.54
N CYS C 17 3.87 6.51 -5.63
CA CYS C 17 4.79 7.53 -5.12
C CYS C 17 5.71 7.98 -6.25
N SER C 18 6.69 8.81 -5.92
CA SER C 18 7.61 9.38 -6.88
C SER C 18 9.04 9.04 -6.51
N VAL C 19 9.86 8.74 -7.53
CA VAL C 19 11.27 8.41 -7.33
C VAL C 19 12.03 9.63 -6.83
N GLY C 20 12.92 9.43 -5.87
CA GLY C 20 13.80 10.50 -5.42
C GLY C 20 15.05 10.62 -6.27
N PHE C 21 16.05 9.78 -6.03
CA PHE C 21 17.28 9.83 -6.81
C PHE C 21 17.87 8.45 -7.02
N SER C 22 18.41 8.23 -8.22
CA SER C 22 19.16 7.02 -8.51
C SER C 22 20.41 6.96 -7.64
N VAL C 23 20.68 5.77 -7.08
CA VAL C 23 21.82 5.55 -6.20
C VAL C 23 22.37 4.15 -6.50
N THR C 24 23.61 3.91 -6.05
CA THR C 24 24.18 2.57 -6.04
C THR C 24 24.77 2.27 -4.67
N ARG C 25 24.90 0.99 -4.38
CA ARG C 25 25.76 0.53 -3.28
C ARG C 25 26.55 -0.64 -3.83
N GLY C 26 27.82 -0.40 -4.13
CA GLY C 26 28.60 -1.40 -4.83
C GLY C 26 27.93 -1.72 -6.15
N ALA C 27 27.71 -3.00 -6.39
CA ALA C 27 27.09 -3.44 -7.65
C ALA C 27 25.58 -3.32 -7.63
N THR C 28 24.96 -3.02 -6.49
CA THR C 28 23.50 -2.97 -6.39
C THR C 28 22.99 -1.60 -6.83
N LYS C 29 22.03 -1.61 -7.75
CA LYS C 29 21.36 -0.40 -8.20
C LYS C 29 20.13 -0.13 -7.33
N GLY C 30 19.70 1.13 -7.30
CA GLY C 30 18.50 1.44 -6.57
C GLY C 30 18.12 2.91 -6.68
N PHE C 31 17.13 3.29 -5.87
CA PHE C 31 16.80 4.71 -5.74
C PHE C 31 16.35 5.02 -4.32
N VAL C 32 16.58 6.28 -3.90
CA VAL C 32 16.08 6.74 -2.61
C VAL C 32 14.71 7.37 -2.80
N THR C 33 13.91 7.31 -1.74
CA THR C 33 12.53 7.78 -1.76
C THR C 33 12.10 8.01 -0.31
N ALA C 34 10.81 8.25 -0.10
CA ALA C 34 10.27 8.48 1.24
C ALA C 34 9.95 7.16 1.92
N GLY C 35 10.19 7.11 3.23
CA GLY C 35 9.89 5.90 3.99
C GLY C 35 8.41 5.61 4.13
N HIS C 36 7.57 6.65 4.13
CA HIS C 36 6.14 6.39 4.28
C HIS C 36 5.54 5.73 3.03
N CYS C 37 6.32 5.58 1.95
CA CYS C 37 5.80 4.97 0.73
C CYS C 37 5.74 3.45 0.77
N GLY C 38 6.48 2.79 1.64
CA GLY C 38 6.44 1.33 1.66
C GLY C 38 7.30 0.75 2.75
N GLY C 39 6.97 -0.49 3.12
CA GLY C 39 7.75 -1.25 4.08
C GLY C 39 8.77 -2.14 3.39
N VAL C 40 9.68 -2.70 4.20
CA VAL C 40 10.75 -3.53 3.67
C VAL C 40 10.15 -4.67 2.86
N GLY C 41 10.71 -4.90 1.67
CA GLY C 41 10.25 -5.97 0.81
C GLY C 41 9.02 -5.66 -0.01
N ALA C 42 8.40 -4.49 0.18
CA ALA C 42 7.26 -4.13 -0.65
C ALA C 42 7.69 -4.02 -2.11
N ILE C 43 6.86 -4.55 -3.00
CA ILE C 43 7.24 -4.72 -4.40
C ILE C 43 7.04 -3.42 -5.17
N VAL C 44 8.07 -3.02 -5.92
CA VAL C 44 8.08 -1.76 -6.66
C VAL C 44 8.01 -2.06 -8.15
N ARG C 45 7.10 -1.38 -8.84
CA ARG C 45 6.95 -1.47 -10.28
C ARG C 45 7.09 -0.08 -10.89
N ILE C 46 7.76 -0.02 -12.05
CA ILE C 46 7.89 1.20 -12.84
C ILE C 46 7.54 0.85 -14.28
N GLY C 47 6.72 1.67 -14.91
CA GLY C 47 6.37 1.47 -16.31
C GLY C 47 5.77 0.11 -16.59
N GLY C 48 4.98 -0.41 -15.65
CA GLY C 48 4.34 -1.70 -15.82
C GLY C 48 5.23 -2.90 -15.60
N THR C 49 6.41 -2.72 -15.03
CA THR C 49 7.39 -3.79 -14.87
C THR C 49 7.90 -3.81 -13.44
N GLN C 50 7.98 -5.01 -12.86
CA GLN C 50 8.57 -5.15 -11.54
C GLN C 50 10.07 -4.84 -11.62
N VAL C 51 10.54 -3.92 -10.77
CA VAL C 51 11.94 -3.52 -10.79
C VAL C 51 12.69 -3.93 -9.53
N GLY C 52 12.00 -4.13 -8.41
CA GLY C 52 12.69 -4.48 -7.17
C GLY C 52 11.75 -4.36 -6.00
N SER C 53 12.32 -4.04 -4.85
CA SER C 53 11.53 -3.90 -3.63
C SER C 53 12.23 -2.94 -2.68
N PHE C 54 11.50 -2.52 -1.66
CA PHE C 54 12.10 -1.67 -0.62
C PHE C 54 13.20 -2.44 0.11
N ALA C 55 14.41 -1.90 0.08
CA ALA C 55 15.52 -2.50 0.79
C ALA C 55 15.48 -2.12 2.26
N ALA C 56 15.10 -0.89 2.57
CA ALA C 56 15.09 -0.40 3.94
C ALA C 56 14.31 0.89 3.99
N ARG C 57 13.77 1.19 5.18
CA ARG C 57 13.04 2.43 5.37
C ARG C 57 13.00 2.78 6.85
N VAL C 58 12.82 4.07 7.11
CA VAL C 58 12.51 4.58 8.45
C VAL C 58 11.36 5.56 8.31
N PHE C 59 10.25 5.27 8.98
CA PHE C 59 9.10 6.18 9.07
C PHE C 59 8.18 5.65 10.15
N PRO C 60 7.70 6.50 11.07
CA PRO C 60 7.98 7.94 11.19
C PRO C 60 9.30 8.19 11.93
N GLY C 61 9.43 9.34 12.58
CA GLY C 61 10.70 9.74 13.17
C GLY C 61 11.58 10.36 12.11
N ASN C 62 12.06 9.54 11.19
CA ASN C 62 12.57 10.01 9.91
C ASN C 62 11.50 9.74 8.85
N ASP C 63 11.84 10.03 7.58
CA ASP C 63 10.95 9.65 6.47
C ASP C 63 11.85 9.37 5.27
N ARG C 64 12.46 8.18 5.25
CA ARG C 64 13.46 7.87 4.23
C ARG C 64 13.36 6.39 3.88
N ALA C 65 13.84 6.06 2.68
CA ALA C 65 13.88 4.68 2.23
C ALA C 65 14.78 4.57 1.03
N TRP C 66 15.20 3.35 0.72
CA TRP C 66 15.74 3.09 -0.60
C TRP C 66 15.19 1.77 -1.13
N VAL C 67 15.02 1.75 -2.44
CA VAL C 67 14.48 0.62 -3.18
C VAL C 67 15.62 0.06 -4.00
N SER C 68 15.87 -1.24 -3.88
CA SER C 68 16.86 -1.89 -4.73
C SER C 68 16.21 -2.26 -6.05
N VAL C 69 16.97 -2.15 -7.15
CA VAL C 69 16.43 -2.48 -8.46
C VAL C 69 17.33 -3.47 -9.18
N GLY C 70 16.71 -4.30 -10.01
CA GLY C 70 17.47 -5.32 -10.71
C GLY C 70 18.49 -4.75 -11.66
N SER C 71 19.55 -5.53 -11.90
CA SER C 71 20.67 -5.06 -12.69
C SER C 71 20.29 -4.75 -14.13
N ALA C 72 19.23 -5.37 -14.65
CA ALA C 72 18.83 -5.13 -16.04
C ALA C 72 18.29 -3.73 -16.28
N HIS C 73 17.95 -3.00 -15.23
CA HIS C 73 17.40 -1.66 -15.39
C HIS C 73 18.53 -0.64 -15.40
N THR C 74 18.24 0.55 -15.93
CA THR C 74 19.24 1.60 -16.14
CA THR C 74 19.26 1.58 -16.10
C THR C 74 18.96 2.76 -15.20
N LEU C 75 19.97 3.15 -14.41
CA LEU C 75 19.86 4.31 -13.56
C LEU C 75 20.28 5.54 -14.34
N GLN C 76 19.50 6.61 -14.25
CA GLN C 76 19.87 7.90 -14.79
C GLN C 76 20.18 8.85 -13.64
N GLY C 77 21.36 9.48 -13.70
CA GLY C 77 21.73 10.46 -12.69
C GLY C 77 21.09 11.80 -12.97
N ALA C 78 19.77 11.86 -12.88
CA ALA C 78 19.02 13.00 -13.38
C ALA C 78 17.62 12.98 -12.79
N VAL C 79 16.89 14.06 -13.02
CA VAL C 79 15.51 14.20 -12.57
C VAL C 79 14.66 14.66 -13.74
N SER C 80 13.43 14.17 -13.81
CA SER C 80 12.52 14.58 -14.88
C SER C 80 12.06 16.02 -14.69
N ASN C 81 12.05 16.78 -15.79
CA ASN C 81 11.48 18.12 -15.74
C ASN C 81 10.00 18.16 -16.10
N TYR C 82 9.38 16.99 -16.34
CA TYR C 82 7.96 16.89 -16.68
C TYR C 82 7.61 17.69 -17.92
N SER C 83 8.59 17.92 -18.78
CA SER C 83 8.35 18.57 -20.06
C SER C 83 9.09 17.85 -21.17
N GLY C 84 9.40 16.57 -20.97
CA GLY C 84 10.10 15.79 -21.96
C GLY C 84 11.61 15.84 -21.86
N GLY C 85 12.15 16.46 -20.81
CA GLY C 85 13.58 16.56 -20.63
C GLY C 85 13.98 16.15 -19.22
N THR C 86 15.27 16.30 -18.95
CA THR C 86 15.82 15.94 -17.66
C THR C 86 16.80 17.02 -17.21
N ILE C 87 17.06 17.01 -15.91
CA ILE C 87 18.06 17.89 -15.29
C ILE C 87 19.10 17.00 -14.65
N ALA C 88 20.36 17.21 -15.00
CA ALA C 88 21.44 16.38 -14.48
C ALA C 88 21.66 16.64 -13.01
N ILE C 89 21.88 15.56 -12.25
CA ILE C 89 22.27 15.66 -10.86
C ILE C 89 23.79 15.58 -10.79
N ARG C 90 24.42 16.52 -10.07
CA ARG C 90 25.86 16.65 -10.05
C ARG C 90 26.47 16.43 -8.67
N GLY C 91 25.66 16.37 -7.62
CA GLY C 91 26.18 16.24 -6.28
C GLY C 91 25.05 16.45 -5.28
N SER C 92 25.43 16.58 -4.02
CA SER C 92 24.45 16.70 -2.93
C SER C 92 24.84 17.81 -1.95
N ALA C 93 25.37 18.92 -2.47
CA ALA C 93 25.69 20.06 -1.63
C ALA C 93 24.41 20.70 -1.11
N GLU C 94 24.29 20.81 0.21
CA GLU C 94 23.05 21.30 0.82
C GLU C 94 22.94 22.82 0.68
N ALA C 95 21.77 23.27 0.26
CA ALA C 95 21.48 24.69 0.04
C ALA C 95 20.94 25.34 1.31
N ALA C 96 21.20 26.64 1.45
CA ALA C 96 20.85 27.39 2.63
C ALA C 96 19.43 27.97 2.55
N ILE C 97 18.90 28.38 3.70
CA ILE C 97 17.63 29.10 3.72
C ILE C 97 17.74 30.31 2.80
N GLY C 98 16.74 30.46 1.92
CA GLY C 98 16.73 31.52 0.93
C GLY C 98 17.10 31.06 -0.47
N ALA C 99 17.77 29.93 -0.59
CA ALA C 99 18.19 29.46 -1.91
C ALA C 99 17.00 28.99 -2.74
N ALA C 100 17.12 29.18 -4.05
CA ALA C 100 16.13 28.63 -4.97
C ALA C 100 16.24 27.11 -5.00
N VAL C 101 15.11 26.44 -5.13
CA VAL C 101 15.06 24.99 -5.17
C VAL C 101 13.85 24.60 -5.99
N CYS C 102 13.92 23.43 -6.63
N CYS C 102 13.93 23.43 -6.63
CA CYS C 102 12.80 22.87 -7.36
CA CYS C 102 12.84 22.84 -7.37
C CYS C 102 12.58 21.43 -6.92
C CYS C 102 12.56 21.43 -6.85
N ARG C 103 11.41 20.89 -7.26
CA ARG C 103 11.07 19.53 -6.94
C ARG C 103 10.31 18.92 -8.11
N SER C 104 10.28 17.59 -8.14
CA SER C 104 9.70 16.85 -9.25
C SER C 104 8.93 15.66 -8.70
N GLY C 105 7.70 15.48 -9.17
CA GLY C 105 6.87 14.38 -8.69
C GLY C 105 5.68 14.19 -9.60
N ARG C 106 5.01 13.04 -9.42
CA ARG C 106 4.02 12.59 -10.39
C ARG C 106 2.73 13.39 -10.37
N THR C 107 2.43 14.11 -9.28
CA THR C 107 1.13 14.76 -9.18
C THR C 107 1.14 16.21 -9.64
N THR C 108 2.11 17.01 -9.21
CA THR C 108 2.19 18.40 -9.62
C THR C 108 3.32 18.66 -10.59
N GLY C 109 4.11 17.66 -10.96
CA GLY C 109 5.16 17.84 -11.93
C GLY C 109 6.40 18.52 -11.36
N TYR C 110 6.93 19.47 -12.11
CA TYR C 110 8.13 20.20 -11.77
C TYR C 110 7.71 21.57 -11.22
N ARG C 111 8.11 21.89 -9.99
CA ARG C 111 7.70 23.11 -9.31
C ARG C 111 8.90 23.73 -8.62
N CYS C 112 8.88 25.06 -8.48
N CYS C 112 8.89 25.06 -8.51
CA CYS C 112 10.04 25.77 -7.95
CA CYS C 112 10.03 25.80 -7.96
C CYS C 112 9.63 26.76 -6.88
C CYS C 112 9.61 26.73 -6.84
N GLY C 113 10.59 27.09 -6.02
CA GLY C 113 10.38 28.00 -4.91
C GLY C 113 11.71 28.21 -4.21
N ASN C 114 11.67 28.49 -2.91
CA ASN C 114 12.87 28.69 -2.14
C ASN C 114 12.84 27.83 -0.89
N ILE C 115 14.04 27.53 -0.36
CA ILE C 115 14.16 26.94 0.97
C ILE C 115 13.75 27.98 1.99
N THR C 116 12.87 27.61 2.93
CA THR C 116 12.36 28.58 3.90
C THR C 116 12.64 28.24 5.36
N ALA C 117 12.93 26.98 5.69
CA ALA C 117 13.19 26.62 7.08
C ALA C 117 13.91 25.28 7.12
N LYS C 118 14.60 25.02 8.23
CA LYS C 118 15.24 23.74 8.46
C LYS C 118 14.86 23.19 9.83
N ASN C 119 14.96 21.87 9.97
CA ASN C 119 14.73 21.18 11.24
C ASN C 119 13.27 21.29 11.69
N VAL C 120 12.35 21.17 10.74
CA VAL C 120 10.92 21.26 11.00
C VAL C 120 10.37 19.88 11.33
N THR C 121 9.50 19.80 12.33
CA THR C 121 8.80 18.56 12.65
C THR C 121 7.41 18.59 12.02
N ALA C 122 7.04 17.50 11.36
CA ALA C 122 5.69 17.31 10.86
C ALA C 122 4.95 16.34 11.78
N ASN C 123 3.76 16.75 12.22
CA ASN C 123 2.94 15.89 13.09
C ASN C 123 1.92 15.12 12.26
N TYR C 124 2.42 14.12 11.55
CA TYR C 124 1.56 13.30 10.72
C TYR C 124 0.67 12.40 11.58
N ALA C 125 -0.45 11.97 11.00
CA ALA C 125 -1.34 11.05 11.72
C ALA C 125 -0.59 9.78 12.09
N GLU C 126 0.35 9.40 11.25
CA GLU C 126 1.14 8.22 11.44
C GLU C 126 2.32 8.40 12.35
N GLY C 127 2.48 9.58 12.96
CA GLY C 127 3.59 9.85 13.85
C GLY C 127 4.39 11.08 13.44
N ALA C 128 5.12 11.65 14.39
CA ALA C 128 5.94 12.82 14.11
C ALA C 128 7.17 12.45 13.30
N VAL C 129 7.53 13.32 12.36
CA VAL C 129 8.78 13.21 11.62
C VAL C 129 9.58 14.47 11.86
N ARG C 130 10.80 14.32 12.35
N ARG C 130 10.80 14.32 12.35
CA ARG C 130 11.66 15.43 12.74
CA ARG C 130 11.63 15.46 12.74
C ARG C 130 12.67 15.74 11.65
C ARG C 130 12.70 15.72 11.69
N GLY C 131 13.29 16.91 11.77
CA GLY C 131 14.45 17.24 10.97
C GLY C 131 14.20 17.60 9.53
N LEU C 132 12.97 17.92 9.16
CA LEU C 132 12.64 18.15 7.75
C LEU C 132 13.03 19.56 7.33
N THR C 133 13.42 19.70 6.06
CA THR C 133 13.63 21.03 5.49
C THR C 133 12.36 21.46 4.79
N GLN C 134 12.03 22.75 4.93
CA GLN C 134 10.84 23.31 4.34
C GLN C 134 11.19 24.18 3.14
N GLY C 135 10.41 24.03 2.07
CA GLY C 135 10.45 24.96 0.95
C GLY C 135 9.04 25.44 0.64
N ASN C 136 8.96 26.41 -0.27
CA ASN C 136 7.65 26.94 -0.66
C ASN C 136 7.28 26.65 -2.11
N ALA C 137 8.04 25.80 -2.80
CA ALA C 137 7.50 25.17 -3.99
C ALA C 137 6.28 24.34 -3.59
N CYS C 138 5.28 24.30 -4.44
CA CYS C 138 4.08 23.57 -4.08
C CYS C 138 4.22 22.09 -4.41
N MET C 139 3.23 21.32 -3.93
CA MET C 139 3.25 19.86 -4.05
CA MET C 139 3.26 19.86 -3.99
C MET C 139 1.84 19.36 -3.78
N GLY C 140 1.64 18.07 -4.07
CA GLY C 140 0.34 17.47 -3.87
C GLY C 140 0.48 15.99 -3.56
N ARG C 141 -0.66 15.39 -3.24
CA ARG C 141 -0.72 13.97 -2.91
C ARG C 141 -0.21 13.14 -4.08
N GLY C 142 0.88 12.41 -3.83
CA GLY C 142 1.52 11.57 -4.84
C GLY C 142 2.92 12.01 -5.18
N ASP C 143 3.27 13.26 -4.90
CA ASP C 143 4.64 13.74 -5.07
C ASP C 143 5.58 13.15 -4.05
N SER C 144 5.04 12.49 -3.01
CA SER C 144 5.84 11.87 -1.95
C SER C 144 6.97 11.04 -2.53
N GLY C 145 8.14 11.16 -1.91
CA GLY C 145 9.33 10.47 -2.33
C GLY C 145 10.12 11.17 -3.40
N GLY C 146 9.53 12.17 -4.07
CA GLY C 146 10.13 12.76 -5.24
C GLY C 146 11.28 13.73 -4.94
N SER C 147 12.02 14.04 -6.00
CA SER C 147 13.29 14.76 -5.90
C SER C 147 13.08 16.22 -5.53
N TRP C 148 13.91 16.72 -4.60
CA TRP C 148 14.14 18.14 -4.41
C TRP C 148 15.61 18.41 -4.73
N PHE C 149 15.88 19.50 -5.45
CA PHE C 149 17.20 19.73 -6.01
C PHE C 149 17.32 21.18 -6.45
N THR C 150 18.54 21.69 -6.48
CA THR C 150 18.75 22.99 -7.10
C THR C 150 18.83 22.82 -8.61
N SER C 151 18.45 23.88 -9.33
CA SER C 151 18.50 23.82 -10.80
C SER C 151 19.92 23.58 -11.29
N ALA C 152 20.92 23.97 -10.51
N ALA C 152 20.92 23.97 -10.51
CA ALA C 152 22.31 23.68 -10.83
C ALA C 152 22.68 22.21 -10.63
N GLY C 153 21.76 21.39 -10.12
CA GLY C 153 21.98 19.95 -10.06
C GLY C 153 22.41 19.38 -8.72
N GLN C 154 22.22 20.11 -7.62
CA GLN C 154 22.59 19.59 -6.30
C GLN C 154 21.36 18.99 -5.63
N ALA C 155 21.37 17.67 -5.45
CA ALA C 155 20.28 16.98 -4.78
C ALA C 155 20.13 17.46 -3.35
N GLN C 156 18.90 17.78 -2.96
CA GLN C 156 18.58 18.26 -1.63
C GLN C 156 17.87 17.24 -0.75
N GLY C 157 16.91 16.49 -1.30
CA GLY C 157 16.16 15.58 -0.46
C GLY C 157 14.96 15.00 -1.19
N VAL C 158 14.12 14.31 -0.41
CA VAL C 158 12.96 13.58 -0.96
C VAL C 158 11.70 14.07 -0.29
N MET C 159 10.64 14.22 -1.09
CA MET C 159 9.38 14.80 -0.64
C MET C 159 8.75 13.98 0.48
N SER C 160 8.50 14.62 1.63
CA SER C 160 7.83 13.97 2.75
C SER C 160 6.35 14.33 2.87
N GLY C 161 6.02 15.61 2.93
CA GLY C 161 4.64 16.02 3.13
C GLY C 161 4.54 17.52 3.21
N GLY C 162 3.38 18.01 3.65
CA GLY C 162 3.20 19.44 3.79
C GLY C 162 1.73 19.79 3.94
N ASN C 163 1.45 21.09 3.87
CA ASN C 163 0.10 21.60 4.16
C ASN C 163 -0.83 21.49 2.94
N VAL C 164 -1.04 20.24 2.53
CA VAL C 164 -2.00 19.94 1.46
C VAL C 164 -3.36 20.52 1.84
N GLN C 165 -3.96 21.24 0.90
CA GLN C 165 -5.27 21.85 1.10
C GLN C 165 -6.36 20.85 0.72
N SER C 166 -7.63 21.30 0.78
CA SER C 166 -8.74 20.41 0.48
C SER C 166 -8.68 19.87 -0.95
N ASN C 167 -8.05 20.61 -1.86
CA ASN C 167 -7.95 20.20 -3.25
C ASN C 167 -6.86 19.16 -3.49
N GLY C 168 -6.14 18.73 -2.45
CA GLY C 168 -5.11 17.73 -2.62
C GLY C 168 -3.72 18.26 -2.92
N ASN C 169 -3.52 19.57 -2.93
CA ASN C 169 -2.19 20.13 -3.13
C ASN C 169 -2.12 21.46 -2.38
N ASN C 170 -0.95 22.09 -2.42
CA ASN C 170 -0.84 23.46 -1.92
C ASN C 170 -0.47 24.44 -3.03
N CYS C 171 -0.78 24.08 -4.29
CA CYS C 171 -0.55 24.96 -5.43
C CYS C 171 -1.64 26.01 -5.61
N GLY C 172 -2.77 25.84 -4.96
CA GLY C 172 -3.88 26.77 -5.06
C GLY C 172 -3.83 27.88 -4.04
N ILE C 173 -2.73 28.00 -3.32
CA ILE C 173 -2.45 29.12 -2.43
C ILE C 173 -1.08 29.68 -2.79
N PRO C 174 -0.83 30.94 -2.48
CA PRO C 174 0.48 31.53 -2.80
C PRO C 174 1.61 30.88 -2.00
N ALA C 175 2.82 30.96 -2.56
CA ALA C 175 3.98 30.36 -1.91
C ALA C 175 4.17 30.83 -0.47
N SER C 176 3.79 32.08 -0.16
CA SER C 176 3.91 32.61 1.19
C SER C 176 3.14 31.81 2.22
N GLN C 177 2.14 31.05 1.80
CA GLN C 177 1.30 30.30 2.72
C GLN C 177 1.61 28.81 2.73
N ARG C 178 2.66 28.38 2.02
CA ARG C 178 2.94 26.97 1.83
C ARG C 178 3.99 26.45 2.80
N SER C 179 3.79 25.22 3.26
CA SER C 179 4.82 24.42 3.91
C SER C 179 4.95 23.13 3.13
N SER C 180 6.06 22.96 2.43
CA SER C 180 6.36 21.73 1.71
C SER C 180 7.66 21.18 2.28
N LEU C 181 7.61 19.97 2.83
CA LEU C 181 8.65 19.46 3.70
C LEU C 181 9.35 18.28 3.05
N PHE C 182 10.69 18.30 3.04
CA PHE C 182 11.45 17.20 2.48
C PHE C 182 12.48 16.66 3.47
N GLU C 183 12.76 15.37 3.33
CA GLU C 183 13.81 14.71 4.10
C GLU C 183 15.15 14.90 3.40
N ARG C 184 16.15 15.39 4.14
CA ARG C 184 17.45 15.69 3.56
CA ARG C 184 17.45 15.69 3.56
C ARG C 184 18.11 14.44 3.01
N VAL C 185 18.73 14.56 1.84
CA VAL C 185 19.29 13.39 1.16
C VAL C 185 20.58 12.90 1.83
N GLY C 186 21.38 13.80 2.39
CA GLY C 186 22.66 13.45 2.97
C GLY C 186 22.59 12.33 4.00
N PRO C 187 21.74 12.49 5.01
CA PRO C 187 21.61 11.41 6.02
C PRO C 187 21.11 10.10 5.45
N ILE C 188 20.34 10.13 4.36
CA ILE C 188 19.90 8.89 3.73
C ILE C 188 21.08 8.16 3.10
N LEU C 189 21.89 8.89 2.33
CA LEU C 189 23.06 8.29 1.69
C LEU C 189 24.00 7.71 2.74
N SER C 190 24.21 8.43 3.85
N SER C 190 24.20 8.44 3.84
CA SER C 190 25.17 7.97 4.85
CA SER C 190 26.41 8.15 5.45
CA SER C 190 25.14 8.01 4.87
C SER C 190 24.63 6.79 5.65
C SER C 190 24.62 6.80 5.62
N GLN C 191 23.34 6.82 6.00
CA GLN C 191 22.78 5.70 6.76
C GLN C 191 22.89 4.39 5.99
N TYR C 192 22.61 4.42 4.69
CA TYR C 192 22.52 3.20 3.91
C TYR C 192 23.76 2.93 3.06
N GLY C 193 24.81 3.75 3.19
CA GLY C 193 26.03 3.53 2.44
C GLY C 193 25.85 3.67 0.94
N LEU C 194 25.02 4.61 0.52
CA LEU C 194 24.65 4.77 -0.88
C LEU C 194 25.45 5.90 -1.51
N SER C 195 25.65 5.77 -2.82
CA SER C 195 26.33 6.78 -3.62
C SER C 195 25.35 7.31 -4.66
N LEU C 196 25.22 8.63 -4.71
CA LEU C 196 24.35 9.26 -5.69
C LEU C 196 24.89 9.04 -7.11
N VAL C 197 24.03 8.66 -8.03
CA VAL C 197 24.43 8.60 -9.44
C VAL C 197 24.41 10.02 -10.00
N THR C 198 25.52 10.44 -10.60
CA THR C 198 25.61 11.76 -11.18
C THR C 198 25.81 11.68 -12.68
N SER C 199 25.52 12.77 -13.37
CA SER C 199 25.72 12.84 -14.81
C SER C 199 26.08 14.25 -15.27
N VAL D 1 5.06 6.22 -25.83
CA VAL D 1 4.21 6.23 -24.66
C VAL D 1 3.02 5.32 -24.95
N ASN D 2 2.58 4.57 -23.95
CA ASN D 2 1.41 3.72 -24.07
C ASN D 2 0.16 4.50 -23.65
N VAL D 3 -0.90 4.39 -24.45
CA VAL D 3 -2.18 5.02 -24.16
C VAL D 3 -3.12 3.94 -23.65
N LEU D 4 -3.66 4.15 -22.45
CA LEU D 4 -4.45 3.17 -21.72
C LEU D 4 -5.56 3.92 -20.98
N GLY D 5 -6.75 3.36 -20.97
CA GLY D 5 -7.86 4.02 -20.28
C GLY D 5 -7.54 4.23 -18.80
N GLY D 6 -7.93 5.38 -18.28
CA GLY D 6 -7.81 5.68 -16.87
C GLY D 6 -6.54 6.39 -16.45
N ILE D 7 -5.51 6.41 -17.30
CA ILE D 7 -4.23 6.99 -16.90
C ILE D 7 -4.28 8.51 -17.01
N GLU D 8 -3.41 9.16 -16.27
CA GLU D 8 -3.34 10.62 -16.26
C GLU D 8 -2.79 11.16 -17.57
N TYR D 9 -3.34 12.29 -17.98
CA TYR D 9 -2.68 13.16 -18.95
C TYR D 9 -2.84 14.60 -18.49
N SER D 10 -1.94 15.46 -18.96
CA SER D 10 -2.01 16.88 -18.68
C SER D 10 -2.42 17.65 -19.92
N ILE D 11 -3.03 18.80 -19.69
CA ILE D 11 -3.47 19.69 -20.76
C ILE D 11 -2.75 21.01 -20.56
N ASN D 12 -1.95 21.41 -21.55
CA ASN D 12 -1.09 22.61 -21.46
C ASN D 12 -0.32 22.52 -20.14
N ASN D 13 -0.28 23.58 -19.34
CA ASN D 13 0.16 23.53 -17.95
C ASN D 13 -0.98 23.90 -17.03
N ALA D 14 -2.20 23.54 -17.39
CA ALA D 14 -3.42 24.04 -16.77
C ALA D 14 -4.21 23.01 -15.98
N THR D 15 -4.26 21.75 -16.43
CA THR D 15 -5.25 20.79 -15.96
C THR D 15 -4.67 19.39 -16.03
N LEU D 16 -5.11 18.54 -15.11
CA LEU D 16 -4.94 17.08 -15.22
C LEU D 16 -6.28 16.44 -15.50
N CYS D 17 -6.29 15.47 -16.43
CA CYS D 17 -7.47 14.66 -16.69
C CYS D 17 -7.02 13.20 -16.83
N SER D 18 -7.97 12.33 -17.18
CA SER D 18 -7.70 10.91 -17.32
C SER D 18 -8.15 10.45 -18.70
N VAL D 19 -7.40 9.51 -19.28
CA VAL D 19 -7.74 8.96 -20.59
C VAL D 19 -9.06 8.20 -20.52
N GLY D 20 -9.90 8.39 -21.52
CA GLY D 20 -11.11 7.59 -21.62
C GLY D 20 -10.89 6.25 -22.29
N PHE D 21 -10.83 6.25 -23.62
CA PHE D 21 -10.60 5.00 -24.35
C PHE D 21 -9.72 5.25 -25.57
N SER D 22 -8.80 4.32 -25.82
CA SER D 22 -8.04 4.33 -27.06
C SER D 22 -8.97 4.14 -28.25
N VAL D 23 -8.75 4.94 -29.29
CA VAL D 23 -9.50 4.86 -30.53
C VAL D 23 -8.56 5.04 -31.72
N THR D 24 -9.05 4.66 -32.89
CA THR D 24 -8.40 5.02 -34.14
C THR D 24 -9.40 5.72 -35.05
N ARG D 25 -8.86 6.55 -35.93
CA ARG D 25 -9.62 7.15 -37.03
CA ARG D 25 -9.62 7.14 -37.04
C ARG D 25 -8.79 6.89 -38.28
N GLY D 26 -9.10 5.81 -38.98
CA GLY D 26 -8.22 5.39 -40.06
C GLY D 26 -6.88 5.03 -39.46
N ALA D 27 -5.81 5.57 -40.05
CA ALA D 27 -4.47 5.34 -39.52
C ALA D 27 -4.13 6.23 -38.34
N THR D 28 -4.97 7.22 -38.01
CA THR D 28 -4.67 8.12 -36.92
C THR D 28 -4.99 7.48 -35.58
N LYS D 29 -4.04 7.56 -34.65
CA LYS D 29 -4.25 7.07 -33.30
C LYS D 29 -4.80 8.18 -32.40
N GLY D 30 -5.51 7.78 -31.36
CA GLY D 30 -6.01 8.79 -30.44
C GLY D 30 -6.71 8.19 -29.24
N PHE D 31 -7.35 9.06 -28.47
CA PHE D 31 -8.20 8.60 -27.38
C PHE D 31 -9.34 9.57 -27.17
N VAL D 32 -10.47 9.05 -26.71
CA VAL D 32 -11.60 9.89 -26.32
C VAL D 32 -11.49 10.26 -24.85
N THR D 33 -12.06 11.42 -24.52
CA THR D 33 -11.99 11.98 -23.18
C THR D 33 -13.09 13.03 -23.06
N ALA D 34 -13.07 13.81 -21.98
CA ALA D 34 -14.08 14.83 -21.75
C ALA D 34 -13.69 16.13 -22.44
N GLY D 35 -14.71 16.84 -22.96
CA GLY D 35 -14.46 18.09 -23.65
C GLY D 35 -14.01 19.21 -22.73
N HIS D 36 -14.46 19.19 -21.46
CA HIS D 36 -14.07 20.27 -20.56
C HIS D 36 -12.59 20.24 -20.19
N CYS D 37 -11.88 19.17 -20.53
CA CYS D 37 -10.47 19.06 -20.21
C CYS D 37 -9.60 19.99 -21.05
N GLY D 38 -10.04 20.36 -22.25
CA GLY D 38 -9.20 21.18 -23.10
C GLY D 38 -9.89 21.64 -24.37
N GLY D 39 -9.48 22.79 -24.90
CA GLY D 39 -9.98 23.28 -26.17
C GLY D 39 -9.23 22.66 -27.33
N VAL D 40 -9.75 22.89 -28.54
CA VAL D 40 -9.11 22.37 -29.74
C VAL D 40 -7.67 22.87 -29.79
N GLY D 41 -6.74 21.97 -30.07
CA GLY D 41 -5.33 22.30 -30.14
C GLY D 41 -4.59 22.30 -28.83
N ALA D 42 -5.27 22.15 -27.70
CA ALA D 42 -4.56 22.10 -26.41
C ALA D 42 -3.60 20.91 -26.40
N ILE D 43 -2.42 21.11 -25.80
CA ILE D 43 -1.31 20.17 -25.88
C ILE D 43 -1.43 19.12 -24.78
N VAL D 44 -1.27 17.85 -25.15
CA VAL D 44 -1.46 16.73 -24.25
C VAL D 44 -0.11 16.07 -23.99
N ARG D 45 0.22 15.92 -22.71
CA ARG D 45 1.40 15.20 -22.28
C ARG D 45 0.98 14.07 -21.35
N ILE D 46 1.74 12.99 -21.37
CA ILE D 46 1.57 11.87 -20.44
C ILE D 46 2.90 11.69 -19.73
N GLY D 47 2.90 11.89 -18.42
CA GLY D 47 4.15 11.88 -17.68
C GLY D 47 5.10 12.97 -18.11
N GLY D 48 4.57 14.07 -18.66
CA GLY D 48 5.39 15.14 -19.16
C GLY D 48 5.79 15.01 -20.62
N THR D 49 5.68 13.82 -21.20
CA THR D 49 6.07 13.61 -22.59
C THR D 49 4.92 13.97 -23.49
N GLN D 50 5.17 14.85 -24.46
CA GLN D 50 4.12 15.27 -25.39
CA GLN D 50 4.13 15.26 -25.39
C GLN D 50 3.72 14.09 -26.28
N VAL D 51 2.41 13.84 -26.36
CA VAL D 51 1.89 12.75 -27.18
C VAL D 51 0.92 13.23 -28.24
N GLY D 52 0.33 14.41 -28.10
CA GLY D 52 -0.63 14.87 -29.11
C GLY D 52 -1.33 16.13 -28.67
N SER D 53 -2.54 16.32 -29.20
CA SER D 53 -3.31 17.52 -28.90
C SER D 53 -4.78 17.22 -29.12
N PHE D 54 -5.62 18.09 -28.58
CA PHE D 54 -7.07 17.94 -28.76
C PHE D 54 -7.43 18.17 -30.21
N ALA D 55 -8.02 17.13 -30.85
CA ALA D 55 -8.41 17.23 -32.24
C ALA D 55 -9.77 17.91 -32.40
N ALA D 56 -10.72 17.59 -31.52
CA ALA D 56 -12.06 18.14 -31.59
C ALA D 56 -12.72 17.96 -30.23
N ARG D 57 -13.69 18.81 -29.94
CA ARG D 57 -14.36 18.75 -28.65
C ARG D 57 -15.68 19.51 -28.70
N VAL D 58 -16.59 19.11 -27.81
CA VAL D 58 -17.82 19.85 -27.56
C VAL D 58 -18.00 19.97 -26.06
N PHE D 59 -18.02 21.20 -25.56
CA PHE D 59 -18.32 21.49 -24.17
C PHE D 59 -18.56 22.99 -24.06
N PRO D 60 -19.65 23.43 -23.38
CA PRO D 60 -20.68 22.61 -22.74
C PRO D 60 -21.73 22.14 -23.76
N GLY D 61 -22.96 21.89 -23.31
CA GLY D 61 -23.95 21.27 -24.16
C GLY D 61 -23.77 19.76 -24.17
N ASN D 62 -22.70 19.30 -24.80
CA ASN D 62 -22.17 17.98 -24.57
C ASN D 62 -20.93 18.11 -23.70
N ASP D 63 -20.22 16.99 -23.49
CA ASP D 63 -18.93 17.04 -22.78
C ASP D 63 -18.06 15.91 -23.35
N ARG D 64 -17.46 16.17 -24.51
CA ARG D 64 -16.78 15.12 -25.24
C ARG D 64 -15.59 15.70 -26.00
N ALA D 65 -14.62 14.85 -26.27
CA ALA D 65 -13.46 15.26 -27.04
C ALA D 65 -12.72 14.04 -27.52
N TRP D 66 -11.86 14.23 -28.52
CA TRP D 66 -10.83 13.27 -28.79
C TRP D 66 -9.49 13.95 -29.01
N VAL D 67 -8.44 13.24 -28.62
CA VAL D 67 -7.07 13.70 -28.68
C VAL D 67 -6.40 12.82 -29.73
N SER D 68 -5.80 13.44 -30.74
CA SER D 68 -5.00 12.66 -31.69
C SER D 68 -3.59 12.55 -31.15
N VAL D 69 -3.02 11.37 -31.30
CA VAL D 69 -1.69 11.13 -30.76
C VAL D 69 -0.73 10.68 -31.83
N GLY D 70 0.53 10.98 -31.60
CA GLY D 70 1.55 10.69 -32.60
C GLY D 70 1.65 9.20 -32.89
N SER D 71 2.05 8.89 -34.12
CA SER D 71 2.10 7.50 -34.58
C SER D 71 3.11 6.67 -33.79
N ALA D 72 4.12 7.29 -33.18
CA ALA D 72 5.12 6.55 -32.42
C ALA D 72 4.57 5.94 -31.14
N HIS D 73 3.43 6.42 -30.66
CA HIS D 73 2.87 5.94 -29.41
C HIS D 73 1.99 4.72 -29.66
N THR D 74 1.75 3.97 -28.59
CA THR D 74 1.04 2.70 -28.67
CA THR D 74 1.03 2.71 -28.69
C THR D 74 -0.31 2.81 -28.00
N LEU D 75 -1.35 2.32 -28.66
CA LEU D 75 -2.70 2.29 -28.10
C LEU D 75 -2.97 0.91 -27.52
N GLN D 76 -3.50 0.88 -26.31
CA GLN D 76 -3.94 -0.35 -25.67
C GLN D 76 -5.46 -0.34 -25.57
N GLY D 77 -6.10 -1.41 -26.05
CA GLY D 77 -7.54 -1.53 -25.99
C GLY D 77 -8.01 -2.04 -24.64
N ALA D 78 -7.74 -1.27 -23.60
CA ALA D 78 -7.97 -1.69 -22.23
C ALA D 78 -8.06 -0.47 -21.32
N VAL D 79 -8.37 -0.72 -20.06
CA VAL D 79 -8.43 0.30 -19.01
C VAL D 79 -7.60 -0.19 -17.82
N SER D 80 -6.88 0.72 -17.18
CA SER D 80 -6.11 0.38 -16.01
C SER D 80 -7.02 0.09 -14.82
N ASN D 81 -6.71 -0.97 -14.07
CA ASN D 81 -7.42 -1.24 -12.81
C ASN D 81 -6.71 -0.64 -11.60
N TYR D 82 -5.64 0.12 -11.81
CA TYR D 82 -4.89 0.77 -10.74
C TYR D 82 -4.36 -0.22 -9.71
N SER D 83 -4.17 -1.47 -10.14
CA SER D 83 -3.60 -2.53 -9.33
C SER D 83 -2.61 -3.34 -10.16
N GLY D 84 -2.00 -2.71 -11.17
CA GLY D 84 -1.03 -3.36 -12.00
C GLY D 84 -1.59 -4.15 -13.14
N GLY D 85 -2.92 -4.21 -13.28
CA GLY D 85 -3.54 -4.98 -14.33
C GLY D 85 -4.45 -4.11 -15.19
N THR D 86 -5.18 -4.74 -16.10
CA THR D 86 -6.05 -4.01 -17.00
C THR D 86 -7.34 -4.79 -17.20
N ILE D 87 -8.39 -4.06 -17.58
CA ILE D 87 -9.65 -4.65 -18.04
C ILE D 87 -9.70 -4.47 -19.55
N ALA D 88 -9.82 -5.58 -20.27
CA ALA D 88 -9.89 -5.53 -21.73
C ALA D 88 -11.21 -4.92 -22.15
N ILE D 89 -11.15 -4.00 -23.12
CA ILE D 89 -12.36 -3.41 -23.69
C ILE D 89 -12.75 -4.25 -24.90
N ARG D 90 -14.02 -4.67 -24.93
CA ARG D 90 -14.51 -5.59 -25.95
C ARG D 90 -15.61 -4.99 -26.82
N GLY D 91 -16.12 -3.82 -26.47
CA GLY D 91 -17.19 -3.21 -27.23
C GLY D 91 -17.74 -2.02 -26.46
N SER D 92 -18.88 -1.53 -26.92
CA SER D 92 -19.53 -0.36 -26.32
C SER D 92 -21.02 -0.56 -26.15
N ALA D 93 -21.43 -1.77 -25.76
CA ALA D 93 -22.83 -2.02 -25.50
C ALA D 93 -23.27 -1.27 -24.24
N GLU D 94 -24.31 -0.46 -24.35
CA GLU D 94 -24.73 0.40 -23.26
C GLU D 94 -25.46 -0.40 -22.19
N ALA D 95 -25.09 -0.16 -20.93
CA ALA D 95 -25.67 -0.87 -19.80
C ALA D 95 -26.89 -0.14 -19.26
N ALA D 96 -27.81 -0.91 -18.67
CA ALA D 96 -29.07 -0.37 -18.19
C ALA D 96 -28.94 0.14 -16.76
N ILE D 97 -29.92 0.95 -16.34
CA ILE D 97 -30.01 1.37 -14.94
C ILE D 97 -30.04 0.14 -14.05
N GLY D 98 -29.20 0.16 -13.01
CA GLY D 98 -29.03 -0.94 -12.10
C GLY D 98 -27.78 -1.76 -12.36
N ALA D 99 -27.22 -1.67 -13.56
CA ALA D 99 -26.06 -2.47 -13.89
C ALA D 99 -24.83 -2.01 -13.09
N ALA D 100 -24.00 -2.97 -12.71
CA ALA D 100 -22.72 -2.66 -12.10
C ALA D 100 -21.81 -2.00 -13.12
N VAL D 101 -21.05 -1.01 -12.67
CA VAL D 101 -20.12 -0.29 -13.53
C VAL D 101 -18.95 0.17 -12.67
N CYS D 102 -17.79 0.30 -13.29
CA CYS D 102 -16.63 0.87 -12.63
C CYS D 102 -16.08 2.02 -13.47
N ARG D 103 -15.25 2.84 -12.85
CA ARG D 103 -14.57 3.93 -13.53
C ARG D 103 -13.11 3.95 -13.11
N SER D 104 -12.29 4.60 -13.91
CA SER D 104 -10.85 4.62 -13.69
C SER D 104 -10.32 6.02 -14.00
N GLY D 105 -9.55 6.58 -13.08
CA GLY D 105 -8.97 7.90 -13.29
C GLY D 105 -7.86 8.15 -12.29
N ARG D 106 -7.12 9.22 -12.53
CA ARG D 106 -5.83 9.39 -11.86
C ARG D 106 -5.93 9.92 -10.43
N THR D 107 -7.10 10.37 -9.99
CA THR D 107 -7.21 10.89 -8.63
C THR D 107 -7.72 9.87 -7.63
N THR D 108 -8.82 9.18 -7.95
CA THR D 108 -9.38 8.18 -7.06
C THR D 108 -9.07 6.75 -7.52
N GLY D 109 -8.41 6.59 -8.67
CA GLY D 109 -8.09 5.25 -9.13
C GLY D 109 -9.29 4.54 -9.73
N TYR D 110 -9.41 3.26 -9.41
CA TYR D 110 -10.45 2.38 -9.92
C TYR D 110 -11.52 2.26 -8.85
N ARG D 111 -12.75 2.68 -9.19
CA ARG D 111 -13.86 2.71 -8.23
CA ARG D 111 -13.85 2.68 -8.22
C ARG D 111 -15.10 2.13 -8.90
N CYS D 112 -15.96 1.50 -8.09
CA CYS D 112 -17.10 0.80 -8.65
C CYS D 112 -18.41 1.25 -8.02
N GLY D 113 -19.49 1.03 -8.76
CA GLY D 113 -20.82 1.36 -8.32
C GLY D 113 -21.84 0.79 -9.27
N ASN D 114 -22.98 1.44 -9.35
CA ASN D 114 -24.03 1.04 -10.28
C ASN D 114 -24.53 2.24 -11.10
N ILE D 115 -25.09 1.94 -12.28
CA ILE D 115 -25.80 2.96 -13.06
CA ILE D 115 -25.79 2.98 -13.05
C ILE D 115 -27.09 3.30 -12.35
N THR D 116 -27.37 4.60 -12.18
CA THR D 116 -28.52 5.03 -11.41
C THR D 116 -29.51 5.94 -12.16
N ALA D 117 -29.10 6.57 -13.26
CA ALA D 117 -30.02 7.43 -14.00
C ALA D 117 -29.43 7.70 -15.38
N LYS D 118 -30.31 8.08 -16.31
CA LYS D 118 -29.89 8.49 -17.64
C LYS D 118 -30.53 9.82 -18.02
N ASN D 119 -29.90 10.52 -18.97
CA ASN D 119 -30.41 11.79 -19.50
C ASN D 119 -30.42 12.90 -18.44
N VAL D 120 -29.36 12.97 -17.64
CA VAL D 120 -29.23 13.94 -16.57
C VAL D 120 -28.54 15.18 -17.11
N THR D 121 -29.03 16.35 -16.72
CA THR D 121 -28.37 17.61 -17.02
C THR D 121 -27.57 18.09 -15.81
N ALA D 122 -26.32 18.48 -16.06
CA ALA D 122 -25.49 19.09 -15.06
C ALA D 122 -25.36 20.57 -15.34
N ASN D 123 -25.49 21.39 -14.30
CA ASN D 123 -25.35 22.84 -14.43
C ASN D 123 -23.95 23.22 -13.99
N TYR D 124 -23.01 23.15 -14.92
CA TYR D 124 -21.64 23.54 -14.63
C TYR D 124 -21.48 25.05 -14.76
N ALA D 125 -20.37 25.57 -14.21
CA ALA D 125 -20.13 27.00 -14.25
C ALA D 125 -20.04 27.51 -15.69
N GLU D 126 -19.47 26.71 -16.59
CA GLU D 126 -19.31 27.10 -17.98
C GLU D 126 -20.59 26.95 -18.79
N GLY D 127 -21.60 26.29 -18.23
CA GLY D 127 -22.85 26.07 -18.95
C GLY D 127 -23.43 24.71 -18.67
N ALA D 128 -24.64 24.47 -19.18
CA ALA D 128 -25.31 23.21 -18.94
C ALA D 128 -24.79 22.14 -19.89
N VAL D 129 -24.68 20.91 -19.37
CA VAL D 129 -24.37 19.74 -20.17
C VAL D 129 -25.53 18.77 -20.01
N ARG D 130 -26.13 18.36 -21.13
CA ARG D 130 -27.31 17.51 -21.09
CA ARG D 130 -27.32 17.52 -21.16
C ARG D 130 -26.96 16.09 -21.51
N GLY D 131 -27.88 15.17 -21.21
CA GLY D 131 -27.78 13.81 -21.70
C GLY D 131 -26.79 12.90 -20.97
N LEU D 132 -26.38 13.25 -19.76
CA LEU D 132 -25.37 12.48 -19.07
C LEU D 132 -25.97 11.28 -18.36
N THR D 133 -25.19 10.21 -18.27
CA THR D 133 -25.58 9.06 -17.47
C THR D 133 -24.99 9.19 -16.08
N GLN D 134 -25.77 8.80 -15.08
CA GLN D 134 -25.36 8.89 -13.69
C GLN D 134 -25.05 7.51 -13.13
N GLY D 135 -23.95 7.42 -12.38
CA GLY D 135 -23.65 6.27 -11.55
C GLY D 135 -23.33 6.72 -10.14
N ASN D 136 -23.12 5.74 -9.27
CA ASN D 136 -22.81 6.08 -7.88
C ASN D 136 -21.44 5.59 -7.44
N ALA D 137 -20.58 5.18 -8.37
CA ALA D 137 -19.16 5.11 -8.06
C ALA D 137 -18.67 6.51 -7.77
N CYS D 138 -17.72 6.63 -6.84
CA CYS D 138 -17.24 7.94 -6.48
C CYS D 138 -16.15 8.41 -7.44
N MET D 139 -15.78 9.68 -7.31
CA MET D 139 -14.78 10.28 -8.18
C MET D 139 -14.30 11.57 -7.54
N GLY D 140 -13.22 12.11 -8.08
CA GLY D 140 -12.68 13.37 -7.61
C GLY D 140 -12.09 14.14 -8.77
N ARG D 141 -11.75 15.39 -8.49
CA ARG D 141 -11.17 16.24 -9.52
C ARG D 141 -9.87 15.64 -10.02
N GLY D 142 -9.74 15.57 -11.34
CA GLY D 142 -8.65 14.88 -12.02
C GLY D 142 -9.09 13.57 -12.65
N ASP D 143 -10.17 12.97 -12.16
CA ASP D 143 -10.74 11.79 -12.80
C ASP D 143 -11.46 12.12 -14.10
N SER D 144 -11.74 13.41 -14.34
CA SER D 144 -12.45 13.86 -15.52
C SER D 144 -11.86 13.26 -16.78
N GLY D 145 -12.74 12.86 -17.70
CA GLY D 145 -12.36 12.24 -18.95
C GLY D 145 -12.14 10.75 -18.87
N GLY D 146 -12.03 10.19 -17.67
CA GLY D 146 -11.64 8.81 -17.50
C GLY D 146 -12.75 7.81 -17.82
N SER D 147 -12.32 6.59 -18.05
CA SER D 147 -13.18 5.48 -18.46
C SER D 147 -14.27 5.09 -17.47
N TRP D 148 -15.47 4.91 -17.98
CA TRP D 148 -16.54 4.17 -17.31
C TRP D 148 -16.83 2.95 -18.16
N PHE D 149 -16.95 1.78 -17.52
CA PHE D 149 -17.02 0.52 -18.26
C PHE D 149 -17.62 -0.55 -17.35
N THR D 150 -18.19 -1.57 -17.95
CA THR D 150 -18.62 -2.74 -17.18
C THR D 150 -17.45 -3.71 -17.04
N SER D 151 -17.58 -4.60 -16.05
CA SER D 151 -16.52 -5.57 -15.79
C SER D 151 -16.35 -6.53 -16.96
N ALA D 152 -17.42 -6.73 -17.75
N ALA D 152 -17.42 -6.73 -17.75
CA ALA D 152 -17.34 -7.54 -18.96
C ALA D 152 -16.64 -6.82 -20.11
N GLY D 153 -16.17 -5.60 -19.90
CA GLY D 153 -15.40 -4.90 -20.90
C GLY D 153 -16.19 -4.06 -21.88
N GLN D 154 -17.40 -3.64 -21.53
CA GLN D 154 -18.19 -2.78 -22.40
C GLN D 154 -17.97 -1.33 -21.99
N ALA D 155 -17.35 -0.54 -22.88
CA ALA D 155 -17.15 0.88 -22.64
C ALA D 155 -18.49 1.59 -22.54
N GLN D 156 -18.65 2.38 -21.48
CA GLN D 156 -19.88 3.14 -21.22
C GLN D 156 -19.75 4.62 -21.55
N GLY D 157 -18.66 5.25 -21.11
CA GLY D 157 -18.54 6.68 -21.31
C GLY D 157 -17.30 7.23 -20.64
N VAL D 158 -17.25 8.56 -20.60
CA VAL D 158 -16.12 9.32 -20.06
C VAL D 158 -16.59 10.26 -18.96
N MET D 159 -15.82 10.31 -17.88
CA MET D 159 -16.16 11.07 -16.67
C MET D 159 -16.37 12.54 -16.99
N SER D 160 -17.54 13.08 -16.63
CA SER D 160 -17.86 14.48 -16.85
C SER D 160 -17.86 15.30 -15.57
N GLY D 161 -18.54 14.87 -14.51
CA GLY D 161 -18.60 15.65 -13.30
C GLY D 161 -19.50 15.02 -12.27
N GLY D 162 -19.86 15.80 -11.26
CA GLY D 162 -20.78 15.30 -10.25
C GLY D 162 -20.68 16.11 -8.97
N ASN D 163 -21.30 15.57 -7.92
CA ASN D 163 -21.48 16.32 -6.68
C ASN D 163 -20.25 16.22 -5.76
N VAL D 164 -19.14 16.75 -6.27
CA VAL D 164 -17.91 16.82 -5.50
C VAL D 164 -18.16 17.61 -4.23
N GLN D 165 -17.66 17.09 -3.11
CA GLN D 165 -17.82 17.71 -1.80
C GLN D 165 -16.66 18.67 -1.55
N SER D 166 -16.63 19.26 -0.35
N SER D 166 -16.63 19.25 -0.34
CA SER D 166 -15.58 20.22 -0.04
CA SER D 166 -15.59 20.20 0.00
C SER D 166 -14.19 19.60 -0.07
C SER D 166 -14.20 19.60 -0.04
N ASN D 167 -14.09 18.28 0.05
CA ASN D 167 -12.80 17.59 0.04
C ASN D 167 -12.31 17.26 -1.37
N GLY D 168 -13.01 17.70 -2.42
CA GLY D 168 -12.56 17.47 -3.78
C GLY D 168 -13.00 16.16 -4.40
N ASN D 169 -13.81 15.37 -3.70
CA ASN D 169 -14.32 14.13 -4.26
C ASN D 169 -15.72 13.91 -3.68
N ASN D 170 -16.38 12.84 -4.12
CA ASN D 170 -17.61 12.39 -3.47
C ASN D 170 -17.45 10.99 -2.86
N CYS D 171 -16.21 10.62 -2.54
CA CYS D 171 -15.93 9.34 -1.89
C CYS D 171 -16.17 9.39 -0.39
N GLY D 172 -16.28 10.57 0.20
CA GLY D 172 -16.51 10.74 1.62
C GLY D 172 -17.96 10.80 2.01
N ILE D 173 -18.86 10.46 1.10
CA ILE D 173 -20.27 10.22 1.39
C ILE D 173 -20.62 8.85 0.82
N PRO D 174 -21.69 8.22 1.31
CA PRO D 174 -22.05 6.89 0.78
C PRO D 174 -22.56 6.97 -0.64
N ALA D 175 -22.46 5.84 -1.34
CA ALA D 175 -22.88 5.78 -2.75
C ALA D 175 -24.29 6.29 -2.95
N SER D 176 -25.21 6.00 -2.02
CA SER D 176 -26.60 6.41 -2.14
C SER D 176 -26.76 7.93 -2.19
N GLN D 177 -25.73 8.69 -1.80
CA GLN D 177 -25.79 10.15 -1.83
C GLN D 177 -25.02 10.75 -2.98
N ARG D 178 -24.45 9.93 -3.86
CA ARG D 178 -23.56 10.42 -4.92
C ARG D 178 -24.29 10.61 -6.24
N SER D 179 -23.87 11.64 -6.97
CA SER D 179 -24.18 11.78 -8.38
C SER D 179 -22.83 11.90 -9.10
N SER D 180 -22.49 10.89 -9.90
CA SER D 180 -21.27 10.89 -10.69
C SER D 180 -21.71 10.71 -12.15
N LEU D 181 -21.40 11.69 -12.99
CA LEU D 181 -22.00 11.78 -14.31
C LEU D 181 -20.97 11.53 -15.40
N PHE D 182 -21.34 10.74 -16.41
CA PHE D 182 -20.46 10.49 -17.54
C PHE D 182 -21.17 10.75 -18.86
N GLU D 183 -20.36 11.12 -19.86
CA GLU D 183 -20.82 11.34 -21.23
C GLU D 183 -20.76 10.00 -21.96
N ARG D 184 -21.89 9.59 -22.54
CA ARG D 184 -21.96 8.30 -23.22
C ARG D 184 -20.96 8.22 -24.36
N VAL D 185 -20.29 7.06 -24.48
CA VAL D 185 -19.20 6.93 -25.47
C VAL D 185 -19.74 6.80 -26.88
N GLY D 186 -20.89 6.14 -27.06
CA GLY D 186 -21.44 5.90 -28.38
C GLY D 186 -21.51 7.13 -29.27
N PRO D 187 -22.15 8.20 -28.80
CA PRO D 187 -22.25 9.41 -29.63
C PRO D 187 -20.90 10.05 -29.94
N ILE D 188 -19.89 9.88 -29.08
CA ILE D 188 -18.57 10.42 -29.37
C ILE D 188 -17.95 9.69 -30.55
N LEU D 189 -17.97 8.35 -30.51
CA LEU D 189 -17.44 7.56 -31.60
C LEU D 189 -18.14 7.90 -32.91
N SER D 190 -19.47 8.07 -32.86
N SER D 190 -19.46 8.08 -32.86
CA SER D 190 -20.24 8.34 -34.06
CA SER D 190 -20.24 8.34 -34.06
C SER D 190 -19.94 9.73 -34.61
C SER D 190 -19.95 9.73 -34.61
N GLN D 191 -19.91 10.74 -33.74
CA GLN D 191 -19.69 12.11 -34.21
C GLN D 191 -18.34 12.25 -34.92
N TYR D 192 -17.31 11.61 -34.38
CA TYR D 192 -15.96 11.85 -34.87
C TYR D 192 -15.43 10.73 -35.74
N GLY D 193 -16.24 9.72 -36.04
CA GLY D 193 -15.81 8.65 -36.92
C GLY D 193 -14.71 7.80 -36.33
N LEU D 194 -14.80 7.51 -35.04
CA LEU D 194 -13.74 6.83 -34.31
C LEU D 194 -14.13 5.38 -34.07
N SER D 195 -13.12 4.52 -34.04
N SER D 195 -13.12 4.52 -34.04
CA SER D 195 -13.31 3.09 -33.76
CA SER D 195 -13.31 3.10 -33.77
C SER D 195 -12.60 2.75 -32.46
C SER D 195 -12.61 2.76 -32.47
N LEU D 196 -13.35 2.15 -31.54
CA LEU D 196 -12.78 1.75 -30.26
C LEU D 196 -11.73 0.66 -30.50
N VAL D 197 -10.56 0.81 -29.88
CA VAL D 197 -9.58 -0.27 -29.86
C VAL D 197 -10.00 -1.31 -28.85
N THR D 198 -10.05 -2.57 -29.28
CA THR D 198 -10.48 -3.66 -28.42
C THR D 198 -9.37 -4.69 -28.29
N SER D 199 -9.46 -5.50 -27.25
CA SER D 199 -8.47 -6.54 -26.98
C SER D 199 -9.08 -7.71 -26.23
#